data_8E9W
#
_entry.id   8E9W
#
_cell.length_a   1.00
_cell.length_b   1.00
_cell.length_c   1.00
_cell.angle_alpha   90.00
_cell.angle_beta   90.00
_cell.angle_gamma   90.00
#
_symmetry.space_group_name_H-M   'P 1'
#
loop_
_entity.id
_entity.type
_entity.pdbx_description
1 polymer 'Muscarinic acetylcholine receptor M3'
2 polymer miniGq
3 polymer 'Guanine nucleotide-binding protein G(I)/G(S)/G(T) subunit beta-1'
4 polymer 'Guanine nucleotide-binding protein G(I)/G(S)/G(O) subunit gamma-2'
5 polymer scFv16
6 non-polymer 11-(4-methylpiperazin-1-yl)-5H-dibenzo[b,e][1,4]diazepine
#
loop_
_entity_poly.entity_id
_entity_poly.type
_entity_poly.pdbx_seq_one_letter_code
_entity_poly.pdbx_strand_id
1 'polypeptide(L)'
;AGNFSSPDGTTDDPLGGHTVWQVVFIAFLTGILALVTIIGNILVIVSFKVNKQLKTVNNYFLLSLACADLIIGVISMNLF
TTYIIMNRWALGNLACDLWLAIDCVASNASVMNLLVISFDRYFSITRPLTYRAKRTTKRAGVMIGLAWVISFVLWAPAIL
FWQYFVGKRTVPPGECFIQFLSEPTITFGTAIAGFYMPVTIMTILYWRIYKETEKRTKELAGLQASGTEAETENFVHPAK
RFALKTRSQITKRKRMSLVKEKKAAQTLSAILLAFIITWTPYNIMVLVNTFCDSCIPKTFWNLGYWLCYINSTVNPVCYA
LCNKTFRTTFKMLLLCQCDKKKRRKQQYQQRQSVIFHKRAPEQAL
;
A
2 'polypeptide(L)'
;MGSTVSAEDKAAAERSKMIDKNLREDGEKARRTLRLLLLGADNSGKSTIVKQMRILHGGSGGSGGTSGIFETKFQVDKVN
FHMFDVGGQRDERRKWIQCFNDVTAIIFVVDSSDYNRLQEALNDFKSIWNNRWLRTISVILFLNKQDLLAEKVLAGKSKI
EDYFPEFARYTTPEDATPEPGEDPRVTRAKYFIRKEFVDISTASGDGRHICYPHFTCAVDTENARRIFNDCKDIILQMNL
REYNLV
;
B
3 'polypeptide(L)'
;SELDQLRQEAEQLKNQIRDARKACADATLSQITNNIDPVGRIQMRTRRTLRGHLAKIYAMHWGTDSRLLVSASQDGKLII
WDSYTTNKVHAIPLRSSWVMTCAYAPSGNYVACGGLDNICSIYNLKTREGNVRVSRELAGHTGYLSCCRFLDDNQIVTSS
GDTTCALWDIETGQQTTTFTGHTGDVMSLSLAPDTRLFVSGACDASAKLWDVREGMCRQTFTGHESDINAICFFPNGNAF
ATGSDDATCRLFDLRADQELMTYSHDNIICGITSVSFSKSGRLLLAGYDDFNCNVWDALKADRAGVLAGHDNRVSCLGVT
DDGMAVATGSWDSFLKIWN
;
C
4 'polypeptide(L)' MASNNTASIAQARKLVEQLKMEANIDRIKVSKAAADLMAYCEAHAKEDPLLTPVPASENPFREKKFFCAIL D
5 'polypeptide(L)'
;DVQLVESGGGLVQPGGSRKLSCSASGFAFSSFGMHWVRQAPEKGLEWVAYISSGSGTIYYADTVKGRFTISRDDPKNTLF
LQMTSLRSEDTAMYYCVRSIYYYGSSPFDFWGQGTTLTVSSGGGGSGGGGSGGGGSDIVMTQATSSVPVTPGESVSISCR
SSKSLLHSNGNTYLYWFLQRPGQSPQLLIYRMSNLASGVPDRFSGSGSGTAFTLTISRLEAEDVGVYYCMQHLEYPLTFG
AGTKLELKAAA
;
E
#
# COMPACT_ATOMS: atom_id res chain seq x y z
N THR A 19 49.69 17.62 38.27
CA THR A 19 49.64 16.17 38.40
C THR A 19 48.97 15.54 37.19
N VAL A 20 49.72 15.47 36.08
CA VAL A 20 49.18 14.88 34.86
C VAL A 20 48.90 13.40 35.05
N TRP A 21 49.63 12.74 35.95
CA TRP A 21 49.41 11.31 36.19
C TRP A 21 48.08 11.03 36.86
N GLN A 22 47.43 12.04 37.43
CA GLN A 22 46.14 11.88 38.11
C GLN A 22 44.99 12.55 37.38
N VAL A 23 45.21 13.74 36.82
CA VAL A 23 44.15 14.44 36.10
C VAL A 23 43.84 13.81 34.74
N VAL A 24 44.71 12.91 34.27
CA VAL A 24 44.43 12.22 33.01
C VAL A 24 43.21 11.32 33.12
N PHE A 25 42.92 10.85 34.34
CA PHE A 25 41.72 10.03 34.54
C PHE A 25 40.46 10.84 34.30
N ILE A 26 40.48 12.14 34.65
CA ILE A 26 39.34 13.00 34.40
C ILE A 26 39.06 13.09 32.89
N ALA A 27 40.11 13.28 32.10
CA ALA A 27 39.94 13.33 30.66
C ALA A 27 39.45 11.99 30.11
N PHE A 28 39.97 10.88 30.64
CA PHE A 28 39.54 9.58 30.18
C PHE A 28 38.07 9.33 30.52
N LEU A 29 37.65 9.72 31.73
CA LEU A 29 36.26 9.50 32.14
C LEU A 29 35.30 10.33 31.29
N THR A 30 35.62 11.61 31.07
CA THR A 30 34.76 12.44 30.25
C THR A 30 34.76 11.96 28.79
N GLY A 31 35.90 11.45 28.32
CA GLY A 31 35.93 10.91 26.98
C GLY A 31 35.08 9.67 26.81
N ILE A 32 35.01 8.83 27.85
CA ILE A 32 34.22 7.61 27.76
C ILE A 32 32.74 7.95 27.64
N LEU A 33 32.24 8.84 28.51
CA LEU A 33 30.83 9.22 28.44
C LEU A 33 30.54 10.04 27.19
N ALA A 34 31.53 10.76 26.67
CA ALA A 34 31.36 11.42 25.39
C ALA A 34 31.16 10.39 24.27
N LEU A 35 31.90 9.28 24.35
CA LEU A 35 31.67 8.18 23.41
C LEU A 35 30.31 7.53 23.64
N VAL A 36 29.91 7.39 24.90
CA VAL A 36 28.60 6.80 25.21
C VAL A 36 27.50 7.68 24.66
N THR A 37 27.64 9.01 24.81
CA THR A 37 26.60 9.92 24.33
C THR A 37 26.46 9.84 22.82
N ILE A 38 27.58 9.80 22.10
CA ILE A 38 27.51 9.85 20.64
C ILE A 38 26.95 8.54 20.08
N ILE A 39 27.34 7.39 20.66
CA ILE A 39 26.85 6.12 20.14
C ILE A 39 25.36 5.97 20.41
N GLY A 40 24.90 6.42 21.58
CA GLY A 40 23.49 6.28 21.92
C GLY A 40 22.59 6.98 20.92
N ASN A 41 23.03 8.13 20.41
CA ASN A 41 22.27 8.82 19.38
C ASN A 41 22.42 8.12 18.03
N ILE A 42 23.57 7.48 17.78
CA ILE A 42 23.75 6.77 16.52
C ILE A 42 22.81 5.58 16.42
N LEU A 43 22.72 4.76 17.47
CA LEU A 43 21.77 3.66 17.44
C LEU A 43 20.33 4.16 17.39
N VAL A 44 20.06 5.33 17.98
CA VAL A 44 18.72 5.91 17.87
C VAL A 44 18.47 6.38 16.43
N ILE A 45 19.45 7.09 15.86
CA ILE A 45 19.24 7.70 14.54
C ILE A 45 19.14 6.63 13.46
N VAL A 46 19.90 5.53 13.58
CA VAL A 46 19.85 4.51 12.54
C VAL A 46 18.64 3.60 12.71
N SER A 47 18.17 3.41 13.95
CA SER A 47 16.98 2.59 14.17
C SER A 47 15.76 3.19 13.49
N PHE A 48 15.74 4.52 13.35
CA PHE A 48 14.66 5.17 12.60
C PHE A 48 14.72 4.82 11.13
N LYS A 49 15.89 4.43 10.63
CA LYS A 49 16.07 4.07 9.23
C LYS A 49 16.10 2.58 8.98
N VAL A 50 16.70 1.79 9.87
CA VAL A 50 16.79 0.34 9.66
C VAL A 50 15.52 -0.39 10.07
N ASN A 51 14.64 0.25 10.82
CA ASN A 51 13.36 -0.34 11.23
C ASN A 51 12.24 0.46 10.59
N LYS A 52 11.51 -0.17 9.66
CA LYS A 52 10.42 0.53 8.99
C LYS A 52 9.23 0.77 9.93
N GLN A 53 9.07 -0.07 10.95
CA GLN A 53 7.97 0.10 11.89
C GLN A 53 8.14 1.32 12.77
N LEU A 54 9.36 1.85 12.88
CA LEU A 54 9.63 3.03 13.70
C LEU A 54 9.49 4.33 12.94
N LYS A 55 9.24 4.28 11.63
CA LYS A 55 9.07 5.49 10.83
C LYS A 55 7.62 5.97 10.97
N THR A 56 7.30 6.45 12.16
CA THR A 56 5.97 6.93 12.49
C THR A 56 6.04 8.38 12.94
N VAL A 57 4.86 9.00 13.05
CA VAL A 57 4.79 10.40 13.46
C VAL A 57 5.19 10.56 14.91
N ASN A 58 4.95 9.55 15.75
CA ASN A 58 5.27 9.65 17.17
C ASN A 58 6.78 9.68 17.40
N ASN A 59 7.54 8.97 16.57
CA ASN A 59 8.98 8.90 16.76
C ASN A 59 9.73 10.06 16.13
N TYR A 60 9.04 10.99 15.48
CA TYR A 60 9.71 12.16 14.93
C TYR A 60 10.34 13.00 16.03
N PHE A 61 9.62 13.17 17.15
CA PHE A 61 10.17 13.93 18.27
C PHE A 61 11.40 13.25 18.85
N LEU A 62 11.39 11.92 18.93
CA LEU A 62 12.56 11.19 19.40
C LEU A 62 13.76 11.38 18.49
N LEU A 63 13.53 11.59 17.20
CA LEU A 63 14.63 11.86 16.27
C LEU A 63 15.30 13.19 16.61
N SER A 64 14.51 14.21 16.92
CA SER A 64 15.07 15.53 17.19
C SER A 64 15.87 15.55 18.47
N LEU A 65 15.41 14.81 19.49
CA LEU A 65 16.11 14.80 20.77
C LEU A 65 17.51 14.22 20.62
N ALA A 66 17.64 13.13 19.85
CA ALA A 66 18.96 12.54 19.61
C ALA A 66 19.85 13.49 18.84
N CYS A 67 19.29 14.16 17.84
CA CYS A 67 20.07 15.11 17.03
C CYS A 67 20.57 16.26 17.90
N ALA A 68 19.71 16.77 18.78
CA ALA A 68 20.13 17.85 19.68
C ALA A 68 21.24 17.38 20.62
N ASP A 69 21.12 16.17 21.15
CA ASP A 69 22.16 15.63 22.02
C ASP A 69 23.43 15.30 21.24
N LEU A 70 23.30 15.04 19.94
CA LEU A 70 24.48 14.77 19.12
C LEU A 70 25.40 15.98 19.07
N ILE A 71 24.84 17.18 18.92
CA ILE A 71 25.64 18.39 18.93
C ILE A 71 26.31 18.57 20.28
N ILE A 72 25.63 18.19 21.35
CA ILE A 72 26.24 18.20 22.68
C ILE A 72 27.38 17.20 22.76
N GLY A 73 27.22 16.06 22.08
CA GLY A 73 28.21 15.00 22.21
C GLY A 73 29.58 15.36 21.65
N VAL A 74 29.60 16.00 20.48
CA VAL A 74 30.85 16.24 19.75
C VAL A 74 31.23 17.73 19.76
N ILE A 75 30.31 18.61 19.37
CA ILE A 75 30.65 20.02 19.24
C ILE A 75 30.86 20.66 20.61
N SER A 76 30.05 20.27 21.59
CA SER A 76 30.06 20.97 22.88
C SER A 76 30.94 20.29 23.92
N MET A 77 30.72 18.99 24.16
CA MET A 77 31.29 18.35 25.35
C MET A 77 32.81 18.29 25.31
N ASN A 78 33.38 17.87 24.17
CA ASN A 78 34.81 17.65 24.11
C ASN A 78 35.60 18.95 24.28
N LEU A 79 35.11 20.03 23.68
CA LEU A 79 35.78 21.33 23.86
C LEU A 79 35.81 21.73 25.33
N PHE A 80 34.78 21.35 26.09
CA PHE A 80 34.80 21.61 27.53
C PHE A 80 35.81 20.70 28.23
N THR A 81 35.95 19.46 27.75
CA THR A 81 36.90 18.54 28.36
C THR A 81 38.33 19.05 28.23
N THR A 82 38.67 19.64 27.08
CA THR A 82 39.98 20.26 26.94
C THR A 82 40.07 21.52 27.78
N TYR A 83 38.98 22.26 27.91
CA TYR A 83 39.00 23.53 28.62
C TYR A 83 39.30 23.38 30.10
N ILE A 84 39.11 22.19 30.67
CA ILE A 84 39.41 22.00 32.08
C ILE A 84 40.84 21.53 32.31
N ILE A 85 41.37 20.68 31.43
CA ILE A 85 42.78 20.29 31.52
C ILE A 85 43.68 21.39 30.99
N MET A 86 43.34 21.97 29.85
CA MET A 86 43.99 23.19 29.35
C MET A 86 43.26 24.37 29.97
N ASN A 87 43.85 24.97 30.98
CA ASN A 87 43.16 25.96 31.81
C ASN A 87 42.96 27.29 31.11
N ARG A 88 43.18 27.38 29.81
CA ARG A 88 42.91 28.58 29.04
C ARG A 88 42.17 28.21 27.77
N TRP A 89 41.46 29.18 27.21
CA TRP A 89 40.74 28.98 25.96
C TRP A 89 41.71 29.23 24.80
N ALA A 90 42.32 28.15 24.32
CA ALA A 90 43.28 28.27 23.22
C ALA A 90 42.61 28.78 21.96
N LEU A 91 41.33 28.49 21.77
CA LEU A 91 40.60 29.00 20.63
C LEU A 91 40.41 30.51 20.76
N GLY A 92 40.13 31.15 19.63
CA GLY A 92 39.94 32.58 19.62
C GLY A 92 38.71 33.01 20.40
N ASN A 93 38.74 34.25 20.87
CA ASN A 93 37.58 34.79 21.58
C ASN A 93 36.37 34.87 20.67
N LEU A 94 36.57 35.26 19.41
CA LEU A 94 35.48 35.23 18.44
C LEU A 94 35.04 33.81 18.13
N ALA A 95 35.87 32.82 18.41
CA ALA A 95 35.51 31.42 18.26
C ALA A 95 34.99 30.79 19.54
N CYS A 96 34.91 31.56 20.63
CA CYS A 96 34.35 31.05 21.87
C CYS A 96 32.85 31.29 21.97
N ASP A 97 32.37 32.43 21.44
CA ASP A 97 30.94 32.68 21.43
C ASP A 97 30.20 31.66 20.59
N LEU A 98 30.87 31.05 19.61
CA LEU A 98 30.26 29.97 18.85
C LEU A 98 29.98 28.76 19.72
N TRP A 99 30.94 28.38 20.57
CA TRP A 99 30.74 27.23 21.44
C TRP A 99 29.66 27.51 22.48
N LEU A 100 29.67 28.70 23.07
CA LEU A 100 28.65 29.05 24.05
C LEU A 100 27.27 29.07 23.41
N ALA A 101 27.16 29.63 22.21
CA ALA A 101 25.87 29.66 21.52
C ALA A 101 25.40 28.26 21.16
N ILE A 102 26.31 27.42 20.66
CA ILE A 102 25.93 26.08 20.25
C ILE A 102 25.49 25.25 21.45
N ASP A 103 26.23 25.36 22.56
CA ASP A 103 25.84 24.65 23.77
C ASP A 103 24.50 25.14 24.30
N CYS A 104 24.27 26.46 24.24
CA CYS A 104 23.03 27.02 24.75
C CYS A 104 21.87 26.92 23.77
N VAL A 105 22.11 26.50 22.53
CA VAL A 105 21.00 26.27 21.61
C VAL A 105 20.64 24.79 21.55
N ALA A 106 21.63 23.90 21.70
CA ALA A 106 21.33 22.47 21.70
C ALA A 106 20.73 22.02 23.02
N SER A 107 21.21 22.58 24.14
CA SER A 107 20.67 22.20 25.43
C SER A 107 19.21 22.61 25.57
N ASN A 108 18.90 23.83 25.14
CA ASN A 108 17.50 24.33 25.19
C ASN A 108 16.63 23.44 24.29
N ALA A 109 17.15 23.08 23.11
CA ALA A 109 16.40 22.22 22.19
C ALA A 109 16.08 20.88 22.84
N SER A 110 16.98 20.39 23.69
CA SER A 110 16.70 19.17 24.43
C SER A 110 15.55 19.37 25.42
N VAL A 111 15.53 20.53 26.08
CA VAL A 111 14.44 20.84 27.00
C VAL A 111 13.12 20.96 26.25
N MET A 112 13.13 21.70 25.15
CA MET A 112 11.89 21.97 24.43
C MET A 112 11.30 20.72 23.81
N ASN A 113 12.15 19.85 23.25
CA ASN A 113 11.65 18.61 22.68
C ASN A 113 11.08 17.69 23.75
N LEU A 114 11.64 17.71 24.96
CA LEU A 114 11.05 16.98 26.07
C LEU A 114 9.69 17.56 26.44
N LEU A 115 9.55 18.88 26.39
CA LEU A 115 8.26 19.51 26.63
C LEU A 115 7.24 19.09 25.58
N VAL A 116 7.65 19.05 24.31
CA VAL A 116 6.74 18.64 23.24
C VAL A 116 6.33 17.19 23.41
N ILE A 117 7.28 16.33 23.81
CA ILE A 117 6.96 14.92 24.05
C ILE A 117 5.95 14.78 25.18
N SER A 118 6.16 15.52 26.27
CA SER A 118 5.24 15.45 27.40
C SER A 118 3.83 15.89 27.01
N PHE A 119 3.74 16.93 26.18
CA PHE A 119 2.43 17.35 25.67
C PHE A 119 1.83 16.32 24.74
N ASP A 120 2.67 15.69 23.90
CA ASP A 120 2.20 14.64 23.02
C ASP A 120 1.69 13.43 23.80
N ARG A 121 2.41 13.04 24.86
CA ARG A 121 1.99 11.91 25.66
C ARG A 121 0.72 12.22 26.45
N TYR A 122 0.61 13.45 26.97
CA TYR A 122 -0.56 13.82 27.74
C TYR A 122 -1.82 13.79 26.88
N PHE A 123 -1.74 14.29 25.65
CA PHE A 123 -2.91 14.31 24.78
C PHE A 123 -3.25 12.91 24.27
N SER A 124 -2.24 12.07 24.03
CA SER A 124 -2.50 10.73 23.53
C SER A 124 -3.23 9.87 24.56
N ILE A 125 -3.03 10.14 25.85
CA ILE A 125 -3.71 9.38 26.88
C ILE A 125 -5.06 10.00 27.22
N THR A 126 -5.11 11.33 27.34
CA THR A 126 -6.37 12.00 27.65
C THR A 126 -7.35 11.95 26.49
N ARG A 127 -6.86 11.97 25.26
CA ARG A 127 -7.71 11.97 24.06
C ARG A 127 -7.24 10.86 23.12
N PRO A 128 -7.46 9.60 23.50
CA PRO A 128 -6.96 8.49 22.67
C PRO A 128 -7.58 8.44 21.28
N LEU A 129 -8.84 8.82 21.14
CA LEU A 129 -9.57 8.64 19.88
C LEU A 129 -9.55 9.86 18.97
N THR A 130 -9.01 10.99 19.43
CA THR A 130 -9.05 12.22 18.65
C THR A 130 -7.68 12.76 18.30
N TYR A 131 -6.77 12.86 19.29
CA TYR A 131 -5.55 13.62 19.09
C TYR A 131 -4.64 12.99 18.04
N ARG A 132 -4.46 11.66 18.08
CA ARG A 132 -3.53 11.02 17.16
C ARG A 132 -3.97 11.17 15.72
N ALA A 133 -5.27 10.98 15.46
CA ALA A 133 -5.77 11.15 14.09
C ALA A 133 -5.74 12.61 13.67
N LYS A 134 -6.10 13.51 14.58
CA LYS A 134 -6.11 14.94 14.25
C LYS A 134 -4.71 15.45 13.93
N ARG A 135 -3.71 15.02 14.70
CA ARG A 135 -2.34 15.48 14.51
C ARG A 135 -1.71 14.68 13.37
N THR A 136 -1.53 15.33 12.22
CA THR A 136 -0.89 14.70 11.07
C THR A 136 0.59 15.03 11.07
N THR A 137 1.28 14.72 9.97
CA THR A 137 2.71 15.03 9.89
C THR A 137 2.96 16.53 9.79
N LYS A 138 1.97 17.30 9.34
CA LYS A 138 2.13 18.74 9.28
C LYS A 138 2.23 19.36 10.67
N ARG A 139 1.23 19.08 11.50
CA ARG A 139 1.18 19.77 12.82
C ARG A 139 2.36 19.30 13.66
N ALA A 140 2.99 18.21 13.24
CA ALA A 140 4.14 17.67 14.01
C ALA A 140 5.36 18.45 13.58
N GLY A 141 5.60 18.50 12.27
CA GLY A 141 6.73 19.27 11.79
C GLY A 141 6.83 20.64 12.42
N VAL A 142 5.69 21.33 12.59
CA VAL A 142 5.74 22.68 13.15
C VAL A 142 6.13 22.65 14.62
N MET A 143 5.67 21.64 15.38
CA MET A 143 6.07 21.55 16.78
C MET A 143 7.57 21.29 16.91
N ILE A 144 8.11 20.40 16.08
CA ILE A 144 9.55 20.16 16.09
C ILE A 144 10.30 21.41 15.67
N GLY A 145 9.83 22.07 14.60
CA GLY A 145 10.50 23.26 14.14
C GLY A 145 10.40 24.41 15.12
N LEU A 146 9.23 24.62 15.72
CA LEU A 146 9.04 25.73 16.63
C LEU A 146 9.90 25.58 17.87
N ALA A 147 10.07 24.35 18.36
CA ALA A 147 10.90 24.13 19.54
C ALA A 147 12.35 24.52 19.26
N TRP A 148 12.86 24.17 18.08
CA TRP A 148 14.21 24.58 17.70
C TRP A 148 14.30 26.08 17.47
N VAL A 149 13.27 26.68 16.86
CA VAL A 149 13.30 28.11 16.55
C VAL A 149 13.35 28.94 17.83
N ILE A 150 12.51 28.62 18.81
CA ILE A 150 12.55 29.33 20.08
C ILE A 150 13.90 29.10 20.76
N SER A 151 14.41 27.87 20.68
CA SER A 151 15.75 27.61 21.18
C SER A 151 16.81 28.31 20.35
N PHE A 152 16.54 28.57 19.07
CA PHE A 152 17.53 29.21 18.22
C PHE A 152 17.71 30.68 18.60
N VAL A 153 16.67 31.49 18.45
CA VAL A 153 16.75 32.87 18.89
C VAL A 153 16.24 32.98 20.33
N LEU A 154 17.05 32.50 21.27
CA LEU A 154 16.91 32.81 22.69
C LEU A 154 18.23 33.05 23.38
N TRP A 155 19.34 32.54 22.85
CA TRP A 155 20.66 32.67 23.44
C TRP A 155 21.67 33.30 22.49
N ALA A 156 21.59 32.98 21.20
CA ALA A 156 22.56 33.51 20.23
C ALA A 156 22.61 35.04 20.23
N PRO A 157 21.49 35.78 20.20
CA PRO A 157 21.59 37.22 20.41
C PRO A 157 22.16 37.58 21.77
N ALA A 158 21.91 36.76 22.79
CA ALA A 158 22.39 37.08 24.14
C ALA A 158 23.89 36.89 24.27
N ILE A 159 24.46 35.90 23.58
CA ILE A 159 25.88 35.61 23.72
C ILE A 159 26.70 36.31 22.66
N LEU A 160 26.26 36.27 21.39
CA LEU A 160 27.04 36.88 20.32
C LEU A 160 26.91 38.40 20.31
N PHE A 161 25.73 38.92 20.63
CA PHE A 161 25.44 40.35 20.51
C PHE A 161 25.18 40.99 21.87
N TRP A 162 25.98 40.64 22.88
CA TRP A 162 25.97 41.36 24.13
C TRP A 162 27.19 42.26 24.31
N GLN A 163 28.34 41.87 23.79
CA GLN A 163 29.53 42.72 23.78
C GLN A 163 29.56 43.65 22.57
N TYR A 164 29.07 43.17 21.43
CA TYR A 164 29.04 43.97 20.21
C TYR A 164 27.96 45.05 20.24
N PHE A 165 26.94 44.89 21.08
CA PHE A 165 25.84 45.85 21.14
C PHE A 165 25.90 46.74 22.38
N VAL A 166 26.31 46.20 23.52
CA VAL A 166 26.46 46.96 24.75
C VAL A 166 27.87 46.78 25.29
N GLY A 167 28.54 47.88 25.58
CA GLY A 167 29.86 47.82 26.18
C GLY A 167 30.86 47.13 25.28
N LYS A 168 31.75 46.35 25.89
CA LYS A 168 32.77 45.60 25.16
C LYS A 168 32.99 44.28 25.88
N ARG A 169 34.00 43.54 25.42
CA ARG A 169 34.34 42.26 26.04
C ARG A 169 34.80 42.47 27.47
N THR A 170 34.34 41.61 28.37
CA THR A 170 34.68 41.69 29.78
C THR A 170 35.42 40.46 30.30
N VAL A 171 35.28 39.31 29.65
CA VAL A 171 35.92 38.09 30.15
C VAL A 171 37.43 38.22 29.99
N PRO A 172 38.23 37.63 30.88
CA PRO A 172 39.67 37.62 30.66
C PRO A 172 40.02 36.76 29.46
N PRO A 173 41.14 37.05 28.80
CA PRO A 173 41.52 36.24 27.63
C PRO A 173 41.75 34.78 27.97
N GLY A 174 42.23 34.46 29.17
CA GLY A 174 42.45 33.08 29.55
C GLY A 174 41.22 32.33 30.01
N GLU A 175 40.09 33.00 30.10
CA GLU A 175 38.83 32.39 30.52
C GLU A 175 37.76 32.65 29.47
N CYS A 176 36.64 31.95 29.61
CA CYS A 176 35.50 32.16 28.71
C CYS A 176 34.23 31.70 29.40
N PHE A 177 33.33 32.63 29.68
CA PHE A 177 32.00 32.33 30.16
C PHE A 177 30.99 33.09 29.32
N ILE A 178 29.70 32.92 29.63
CA ILE A 178 28.64 33.41 28.75
C ILE A 178 28.54 34.93 28.76
N GLN A 179 29.21 35.60 29.71
CA GLN A 179 29.52 37.02 29.67
C GLN A 179 28.31 37.92 29.88
N PHE A 180 27.21 37.41 30.43
CA PHE A 180 26.17 38.30 30.92
C PHE A 180 25.53 37.83 32.22
N LEU A 181 26.23 37.00 32.99
CA LEU A 181 25.74 36.61 34.30
C LEU A 181 25.83 37.71 35.33
N SER A 182 26.53 38.81 35.02
CA SER A 182 26.67 39.90 35.99
C SER A 182 25.32 40.54 36.30
N GLU A 183 24.49 40.74 35.29
CA GLU A 183 23.19 41.36 35.50
C GLU A 183 22.20 40.34 36.06
N PRO A 184 21.65 40.55 37.25
CA PRO A 184 20.66 39.61 37.78
C PRO A 184 19.26 39.91 37.28
N THR A 185 19.13 40.25 36.00
CA THR A 185 17.82 40.50 35.40
C THR A 185 17.54 39.54 34.25
N ILE A 186 18.44 39.45 33.27
CA ILE A 186 18.23 38.56 32.14
C ILE A 186 18.61 37.13 32.49
N THR A 187 19.43 36.94 33.53
CA THR A 187 19.78 35.59 33.96
C THR A 187 18.57 34.89 34.57
N PHE A 188 17.85 35.58 35.47
CA PHE A 188 16.64 35.00 36.04
C PHE A 188 15.57 34.81 34.96
N GLY A 189 15.45 35.77 34.06
CA GLY A 189 14.43 35.66 33.02
C GLY A 189 14.67 34.51 32.07
N THR A 190 15.92 34.31 31.67
CA THR A 190 16.23 33.24 30.72
C THR A 190 16.22 31.87 31.39
N ALA A 191 16.66 31.78 32.65
CA ALA A 191 16.58 30.51 33.38
C ALA A 191 15.12 30.10 33.58
N ILE A 192 14.25 31.05 33.91
CA ILE A 192 12.83 30.75 34.06
C ILE A 192 12.25 30.29 32.72
N ALA A 193 12.56 31.00 31.64
CA ALA A 193 11.99 30.68 30.33
C ALA A 193 12.73 29.56 29.62
N GLY A 194 13.84 29.09 30.16
CA GLY A 194 14.60 28.02 29.52
C GLY A 194 14.55 26.70 30.26
N PHE A 195 14.55 26.74 31.59
CA PHE A 195 14.54 25.53 32.39
C PHE A 195 13.33 25.42 33.30
N TYR A 196 13.05 26.45 34.11
CA TYR A 196 12.10 26.29 35.20
C TYR A 196 10.67 26.16 34.70
N MET A 197 10.28 26.99 33.74
CA MET A 197 8.93 26.87 33.18
C MET A 197 8.70 25.53 32.47
N PRO A 198 9.60 25.04 31.61
CA PRO A 198 9.36 23.71 31.02
C PRO A 198 9.24 22.58 32.03
N VAL A 199 10.04 22.62 33.10
CA VAL A 199 10.01 21.53 34.07
C VAL A 199 8.70 21.53 34.84
N THR A 200 8.23 22.72 35.26
CA THR A 200 6.98 22.81 35.99
C THR A 200 5.82 22.26 35.15
N ILE A 201 5.84 22.49 33.85
CA ILE A 201 4.83 21.93 32.97
C ILE A 201 4.91 20.42 32.95
N MET A 202 6.14 19.88 32.83
CA MET A 202 6.30 18.44 32.70
C MET A 202 5.87 17.70 33.96
N THR A 203 6.24 18.19 35.14
CA THR A 203 5.90 17.48 36.36
C THR A 203 4.39 17.51 36.62
N ILE A 204 3.71 18.58 36.22
CA ILE A 204 2.26 18.63 36.31
C ILE A 204 1.65 17.68 35.30
N LEU A 205 2.15 17.71 34.06
CA LEU A 205 1.60 16.87 33.00
C LEU A 205 1.78 15.39 33.32
N TYR A 206 2.97 15.01 33.81
CA TYR A 206 3.22 13.60 34.09
C TYR A 206 2.46 13.13 35.33
N TRP A 207 2.19 14.03 36.28
CA TRP A 207 1.33 13.69 37.40
C TRP A 207 -0.09 13.41 36.92
N ARG A 208 -0.58 14.21 35.98
CA ARG A 208 -1.91 13.99 35.43
C ARG A 208 -1.97 12.67 34.67
N ILE A 209 -0.89 12.29 33.99
CA ILE A 209 -0.85 11.03 33.26
C ILE A 209 -0.95 9.86 34.21
N TYR A 210 -0.29 9.97 35.38
CA TYR A 210 -0.36 8.89 36.36
C TYR A 210 -1.78 8.72 36.90
N LYS A 211 -2.49 9.84 37.12
CA LYS A 211 -3.84 9.77 37.66
C LYS A 211 -4.78 9.02 36.73
N GLU A 212 -4.73 9.34 35.44
CA GLU A 212 -5.61 8.67 34.48
C GLU A 212 -5.18 7.23 34.24
N THR A 213 -3.90 6.92 34.46
CA THR A 213 -3.46 5.53 34.40
C THR A 213 -4.13 4.70 35.49
N GLU A 214 -4.27 5.27 36.69
CA GLU A 214 -4.93 4.57 37.78
C GLU A 214 -6.42 4.35 37.47
N LYS A 215 -7.06 5.33 36.83
CA LYS A 215 -8.47 5.20 36.51
C LYS A 215 -8.71 4.04 35.54
N ARG A 216 -7.82 3.88 34.56
CA ARG A 216 -7.90 2.73 33.67
C ARG A 216 -7.74 1.42 34.45
N THR A 217 -6.79 1.39 35.39
CA THR A 217 -6.61 0.20 36.22
C THR A 217 -7.83 -0.04 37.11
N LYS A 218 -8.38 1.02 37.69
CA LYS A 218 -9.54 0.88 38.56
C LYS A 218 -10.79 0.49 37.76
N GLU A 219 -10.92 1.00 36.53
CA GLU A 219 -12.08 0.68 35.71
C GLU A 219 -12.12 -0.80 35.37
N LEU A 220 -10.98 -1.38 35.04
CA LEU A 220 -10.90 -2.80 34.69
C LEU A 220 -10.55 -3.65 35.90
N GLU A 261 0.21 0.44 38.34
CA GLU A 261 0.72 1.44 39.27
C GLU A 261 2.17 1.16 39.63
N LYS A 262 2.51 -0.14 39.73
CA LYS A 262 3.88 -0.50 40.06
C LYS A 262 4.84 -0.07 38.96
N LYS A 263 4.44 -0.21 37.70
CA LYS A 263 5.28 0.14 36.56
C LYS A 263 5.04 1.55 36.04
N ALA A 264 3.83 2.08 36.27
CA ALA A 264 3.55 3.45 35.85
C ALA A 264 4.33 4.46 36.68
N ALA A 265 4.30 4.28 38.01
CA ALA A 265 4.99 5.23 38.89
C ALA A 265 6.50 5.18 38.68
N GLN A 266 7.04 4.00 38.37
CA GLN A 266 8.48 3.85 38.20
C GLN A 266 8.97 4.59 36.97
N THR A 267 8.28 4.40 35.84
CA THR A 267 8.75 4.98 34.58
C THR A 267 8.58 6.50 34.58
N LEU A 268 7.45 7.00 35.09
CA LEU A 268 7.22 8.43 35.11
C LEU A 268 8.13 9.15 36.09
N SER A 269 8.75 8.44 37.03
CA SER A 269 9.70 9.04 37.96
C SER A 269 11.14 8.92 37.45
N ALA A 270 11.48 7.83 36.78
CA ALA A 270 12.83 7.67 36.24
C ALA A 270 13.12 8.71 35.17
N ILE A 271 12.15 9.00 34.30
CA ILE A 271 12.35 9.99 33.25
C ILE A 271 12.16 11.42 33.74
N LEU A 272 11.53 11.62 34.90
CA LEU A 272 11.38 12.94 35.49
C LEU A 272 12.47 13.26 36.50
N LEU A 273 12.91 12.29 37.28
CA LEU A 273 14.06 12.48 38.16
C LEU A 273 15.36 12.17 37.43
N ALA A 274 15.48 12.74 36.24
CA ALA A 274 16.73 12.81 35.49
C ALA A 274 16.98 14.19 34.91
N PHE A 275 15.92 14.95 34.64
CA PHE A 275 16.07 16.37 34.33
C PHE A 275 16.33 17.17 35.59
N ILE A 276 15.70 16.77 36.71
CA ILE A 276 15.91 17.47 37.97
C ILE A 276 17.33 17.25 38.47
N ILE A 277 17.79 16.00 38.49
CA ILE A 277 19.10 15.71 39.05
C ILE A 277 20.22 16.31 38.20
N THR A 278 20.11 16.20 36.88
CA THR A 278 21.20 16.61 36.00
C THR A 278 21.24 18.11 35.75
N TRP A 279 20.19 18.86 36.06
CA TRP A 279 20.13 20.26 35.70
C TRP A 279 19.88 21.21 36.86
N THR A 280 19.22 20.73 37.89
CA THR A 280 18.85 21.60 39.02
C THR A 280 20.10 22.21 39.67
N PRO A 281 21.14 21.45 40.03
CA PRO A 281 22.31 22.04 40.71
C PRO A 281 22.96 23.16 39.93
N TYR A 282 23.05 23.03 38.61
CA TYR A 282 23.67 24.09 37.82
C TYR A 282 22.78 25.32 37.75
N ASN A 283 21.48 25.14 37.54
CA ASN A 283 20.58 26.26 37.34
C ASN A 283 20.30 27.03 38.62
N ILE A 284 20.73 26.53 39.78
CA ILE A 284 20.67 27.33 40.99
C ILE A 284 21.96 28.13 41.21
N MET A 285 23.12 27.58 40.86
CA MET A 285 24.35 28.33 41.03
C MET A 285 24.42 29.53 40.10
N VAL A 286 23.80 29.46 38.92
CA VAL A 286 23.72 30.65 38.07
C VAL A 286 22.87 31.71 38.75
N LEU A 287 21.81 31.29 39.47
CA LEU A 287 21.00 32.24 40.22
C LEU A 287 21.80 32.82 41.39
N VAL A 288 22.59 31.99 42.07
CA VAL A 288 23.44 32.50 43.14
C VAL A 288 24.50 33.43 42.57
N ASN A 289 25.06 33.07 41.42
CA ASN A 289 26.10 33.88 40.79
C ASN A 289 25.57 35.22 40.29
N THR A 290 24.26 35.41 40.25
CA THR A 290 23.71 36.70 39.82
C THR A 290 24.12 37.82 40.78
N PHE A 291 23.64 37.74 42.03
CA PHE A 291 23.97 38.77 43.01
C PHE A 291 25.38 38.62 43.55
N CYS A 292 25.87 37.39 43.66
CA CYS A 292 27.22 37.14 44.12
C CYS A 292 28.20 37.26 42.95
N ASP A 293 29.50 37.18 43.27
CA ASP A 293 30.53 37.23 42.24
C ASP A 293 31.32 35.94 42.15
N SER A 294 31.94 35.50 43.25
CA SER A 294 32.75 34.29 43.22
C SER A 294 32.61 33.46 44.49
N CYS A 295 31.55 33.67 45.28
CA CYS A 295 31.41 32.90 46.51
C CYS A 295 31.24 31.42 46.25
N ILE A 296 30.59 31.05 45.16
CA ILE A 296 30.52 29.64 44.75
C ILE A 296 31.89 29.24 44.18
N PRO A 297 32.47 28.15 44.66
CA PRO A 297 33.78 27.73 44.13
C PRO A 297 33.71 27.41 42.65
N LYS A 298 34.82 27.69 41.96
CA LYS A 298 34.88 27.41 40.53
C LYS A 298 34.91 25.91 40.26
N THR A 299 35.43 25.12 41.21
CA THR A 299 35.39 23.66 41.08
C THR A 299 33.95 23.16 41.08
N PHE A 300 33.12 23.67 42.00
CA PHE A 300 31.71 23.30 42.00
C PHE A 300 30.99 23.82 40.77
N TRP A 301 31.43 24.96 40.23
CA TRP A 301 30.85 25.47 38.99
C TRP A 301 31.12 24.50 37.84
N ASN A 302 32.31 23.92 37.80
CA ASN A 302 32.63 22.95 36.75
C ASN A 302 31.80 21.68 36.89
N LEU A 303 31.61 21.20 38.12
CA LEU A 303 30.86 19.96 38.32
C LEU A 303 29.42 20.11 37.87
N GLY A 304 28.77 21.23 38.23
CA GLY A 304 27.43 21.48 37.76
C GLY A 304 27.37 21.70 36.26
N TYR A 305 28.42 22.29 35.69
CA TYR A 305 28.47 22.51 34.25
C TYR A 305 28.48 21.19 33.50
N TRP A 306 29.11 20.19 34.12
CA TRP A 306 29.28 18.91 33.40
C TRP A 306 28.02 18.07 33.58
N LEU A 307 27.41 18.14 34.76
CA LEU A 307 26.17 17.39 35.00
C LEU A 307 25.08 17.79 34.01
N CYS A 308 25.11 19.03 33.55
CA CYS A 308 24.12 19.47 32.56
C CYS A 308 24.27 18.72 31.26
N TYR A 309 25.48 18.27 30.93
CA TYR A 309 25.71 17.52 29.71
C TYR A 309 25.26 16.07 29.84
N ILE A 310 25.14 15.57 31.07
CA ILE A 310 24.83 14.16 31.29
C ILE A 310 23.43 13.81 30.81
N ASN A 311 22.48 14.74 30.93
CA ASN A 311 21.11 14.47 30.50
C ASN A 311 21.04 14.06 29.04
N SER A 312 21.94 14.57 28.21
CA SER A 312 22.00 14.13 26.81
C SER A 312 22.40 12.67 26.69
N THR A 313 23.18 12.17 27.66
CA THR A 313 23.55 10.75 27.64
C THR A 313 22.39 9.87 28.08
N VAL A 314 21.59 10.34 29.04
CA VAL A 314 20.48 9.54 29.56
C VAL A 314 19.21 9.73 28.73
N ASN A 315 19.14 10.76 27.89
CA ASN A 315 17.96 10.99 27.07
C ASN A 315 17.63 9.83 26.14
N PRO A 316 18.57 9.24 25.39
CA PRO A 316 18.19 8.17 24.45
C PRO A 316 17.61 6.93 25.11
N VAL A 317 17.83 6.70 26.40
CA VAL A 317 17.32 5.50 27.03
C VAL A 317 15.99 5.73 27.76
N CYS A 318 15.79 6.92 28.34
CA CYS A 318 14.56 7.18 29.09
C CYS A 318 13.35 7.44 28.21
N TYR A 319 13.55 7.78 26.94
CA TYR A 319 12.45 8.11 26.05
C TYR A 319 12.37 7.22 24.82
N ALA A 320 13.50 6.79 24.26
CA ALA A 320 13.48 5.95 23.07
C ALA A 320 13.54 4.47 23.43
N LEU A 321 14.49 4.07 24.27
CA LEU A 321 14.64 2.67 24.63
C LEU A 321 13.49 2.14 25.46
N CYS A 322 12.61 3.01 25.97
CA CYS A 322 11.40 2.54 26.61
C CYS A 322 10.52 1.80 25.61
N ASN A 323 10.40 2.33 24.39
CA ASN A 323 9.63 1.66 23.35
C ASN A 323 10.20 0.28 23.07
N LYS A 324 9.31 -0.72 23.01
CA LYS A 324 9.74 -2.09 22.79
C LYS A 324 10.36 -2.25 21.40
N THR A 325 9.78 -1.59 20.39
CA THR A 325 10.33 -1.70 19.04
C THR A 325 11.73 -1.11 18.96
N PHE A 326 11.95 0.03 19.62
CA PHE A 326 13.29 0.60 19.69
C PHE A 326 14.23 -0.34 20.45
N ARG A 327 13.76 -0.94 21.53
CA ARG A 327 14.59 -1.86 22.31
C ARG A 327 15.01 -3.05 21.48
N THR A 328 14.08 -3.63 20.72
CA THR A 328 14.41 -4.77 19.87
C THR A 328 15.45 -4.40 18.81
N THR A 329 15.30 -3.22 18.21
CA THR A 329 16.27 -2.79 17.19
C THR A 329 17.63 -2.55 17.79
N PHE A 330 17.70 -2.01 19.02
CA PHE A 330 18.98 -1.82 19.68
C PHE A 330 19.65 -3.15 19.96
N LYS A 331 18.88 -4.15 20.40
CA LYS A 331 19.45 -5.48 20.65
C LYS A 331 19.97 -6.10 19.36
N MET A 332 19.22 -5.94 18.26
CA MET A 332 19.68 -6.46 16.98
C MET A 332 20.94 -5.75 16.52
N LEU A 333 21.00 -4.43 16.67
CA LEU A 333 22.16 -3.67 16.24
C LEU A 333 23.37 -3.89 17.14
N LEU A 334 23.16 -4.29 18.39
CA LEU A 334 24.28 -4.47 19.31
C LEU A 334 25.08 -5.73 18.97
N LEU A 335 24.40 -6.81 18.61
CA LEU A 335 25.05 -8.09 18.35
C LEU A 335 24.94 -8.51 16.89
N CYS A 336 23.73 -8.58 16.34
CA CYS A 336 23.52 -9.02 14.96
C CYS A 336 23.68 -7.82 14.01
N GLN A 337 24.92 -7.36 13.91
CA GLN A 337 25.21 -6.20 13.06
C GLN A 337 24.91 -6.52 11.60
N CYS A 338 24.26 -5.59 10.92
CA CYS A 338 23.91 -5.76 9.52
C CYS A 338 24.14 -4.48 8.73
N VAL B 5 13.39 11.72 -20.72
CA VAL B 5 12.00 12.08 -20.50
C VAL B 5 11.49 12.95 -21.63
N SER B 6 10.46 12.47 -22.33
CA SER B 6 9.88 13.16 -23.47
C SER B 6 8.76 14.09 -23.00
N ALA B 7 7.98 14.61 -23.94
CA ALA B 7 6.88 15.49 -23.60
C ALA B 7 5.73 14.72 -22.97
N GLU B 8 5.39 13.55 -23.54
CA GLU B 8 4.22 12.83 -23.08
C GLU B 8 4.46 12.15 -21.74
N ASP B 9 5.61 11.51 -21.56
CA ASP B 9 5.89 10.84 -20.29
C ASP B 9 6.14 11.83 -19.17
N LYS B 10 6.57 13.05 -19.48
CA LYS B 10 6.61 14.11 -18.47
C LYS B 10 5.20 14.49 -18.04
N ALA B 11 4.26 14.52 -18.97
CA ALA B 11 2.86 14.73 -18.62
C ALA B 11 2.29 13.51 -17.90
N ALA B 12 2.76 12.31 -18.25
CA ALA B 12 2.35 11.11 -17.55
C ALA B 12 2.87 11.10 -16.12
N ALA B 13 4.06 11.65 -15.89
CA ALA B 13 4.59 11.76 -14.54
C ALA B 13 3.75 12.70 -13.69
N GLU B 14 3.29 13.80 -14.28
CA GLU B 14 2.44 14.74 -13.55
C GLU B 14 1.12 14.10 -13.18
N ARG B 15 0.57 13.26 -14.06
CA ARG B 15 -0.67 12.55 -13.75
C ARG B 15 -0.47 11.61 -12.57
N SER B 16 0.67 10.94 -12.49
CA SER B 16 0.96 10.07 -11.36
C SER B 16 1.02 10.86 -10.06
N LYS B 17 1.55 12.09 -10.11
CA LYS B 17 1.62 12.92 -8.92
C LYS B 17 0.24 13.27 -8.38
N MET B 18 -0.69 13.62 -9.27
CA MET B 18 -2.04 13.93 -8.83
C MET B 18 -2.73 12.70 -8.26
N ILE B 19 -2.48 11.53 -8.85
CA ILE B 19 -3.02 10.28 -8.31
C ILE B 19 -2.49 10.04 -6.90
N ASP B 20 -1.18 10.27 -6.71
CA ASP B 20 -0.59 10.14 -5.38
C ASP B 20 -1.20 11.14 -4.41
N LYS B 21 -1.52 12.34 -4.89
CA LYS B 21 -2.12 13.35 -4.02
C LYS B 21 -3.50 12.90 -3.54
N ASN B 22 -4.30 12.32 -4.43
CA ASN B 22 -5.60 11.81 -4.03
C ASN B 22 -5.46 10.58 -3.15
N LEU B 23 -4.43 9.77 -3.38
CA LEU B 23 -4.25 8.56 -2.59
C LEU B 23 -3.92 8.90 -1.13
N ARG B 24 -3.09 9.92 -0.91
CA ARG B 24 -2.73 10.25 0.46
C ARG B 24 -3.84 11.02 1.18
N GLU B 25 -4.65 11.78 0.45
CA GLU B 25 -5.66 12.59 1.11
C GLU B 25 -6.83 11.77 1.60
N ASP B 26 -7.22 10.73 0.87
CA ASP B 26 -8.33 9.90 1.33
C ASP B 26 -7.86 8.77 2.23
N GLY B 27 -6.56 8.47 2.23
CA GLY B 27 -6.02 7.57 3.23
C GLY B 27 -6.08 8.18 4.62
N GLU B 28 -5.87 9.50 4.72
CA GLU B 28 -6.02 10.18 5.99
C GLU B 28 -7.47 10.15 6.45
N LYS B 29 -8.42 10.25 5.52
CA LYS B 29 -9.83 10.17 5.89
C LYS B 29 -10.17 8.82 6.48
N ALA B 30 -9.63 7.74 5.90
CA ALA B 30 -9.85 6.40 6.44
C ALA B 30 -9.04 6.16 7.71
N ARG B 31 -8.02 6.97 7.98
CA ARG B 31 -7.23 6.79 9.18
C ARG B 31 -7.97 7.26 10.43
N ARG B 32 -8.99 8.09 10.28
CA ARG B 32 -9.74 8.63 11.42
C ARG B 32 -10.94 7.79 11.78
N THR B 33 -11.17 6.67 11.11
CA THR B 33 -12.29 5.79 11.41
C THR B 33 -11.78 4.53 12.09
N LEU B 34 -12.65 3.94 12.93
CA LEU B 34 -12.33 2.74 13.68
C LEU B 34 -13.16 1.59 13.13
N ARG B 35 -12.50 0.49 12.81
CA ARG B 35 -13.13 -0.67 12.19
C ARG B 35 -13.45 -1.72 13.24
N LEU B 36 -14.68 -2.23 13.21
CA LEU B 36 -15.13 -3.25 14.14
C LEU B 36 -15.67 -4.44 13.36
N LEU B 37 -15.46 -5.63 13.91
CA LEU B 37 -15.94 -6.87 13.32
C LEU B 37 -17.00 -7.47 14.22
N LEU B 38 -18.21 -7.60 13.69
CA LEU B 38 -19.32 -8.17 14.43
C LEU B 38 -19.38 -9.68 14.21
N LEU B 39 -19.40 -10.44 15.31
CA LEU B 39 -19.45 -11.89 15.26
C LEU B 39 -20.56 -12.39 16.16
N GLY B 40 -21.11 -13.54 15.80
CA GLY B 40 -22.19 -14.13 16.59
C GLY B 40 -22.78 -15.33 15.87
N ALA B 41 -23.95 -15.75 16.35
CA ALA B 41 -24.67 -16.88 15.80
C ALA B 41 -26.05 -16.43 15.32
N ASP B 42 -26.85 -17.39 14.88
CA ASP B 42 -28.18 -17.08 14.36
C ASP B 42 -29.09 -16.52 15.44
N ASN B 43 -29.04 -17.07 16.64
CA ASN B 43 -29.91 -16.67 17.73
C ASN B 43 -29.31 -15.56 18.60
N SER B 44 -28.12 -15.06 18.25
CA SER B 44 -27.46 -14.06 19.08
C SER B 44 -28.17 -12.71 19.06
N GLY B 45 -28.92 -12.42 18.00
CA GLY B 45 -29.52 -11.10 17.86
C GLY B 45 -28.48 -10.00 17.65
N LYS B 46 -27.46 -10.27 16.85
CA LYS B 46 -26.38 -9.32 16.64
C LYS B 46 -26.78 -8.17 15.72
N SER B 47 -27.86 -8.32 14.96
CA SER B 47 -28.31 -7.22 14.12
C SER B 47 -28.78 -6.03 14.95
N THR B 48 -29.52 -6.30 16.03
CA THR B 48 -30.08 -5.25 16.88
C THR B 48 -29.19 -5.01 18.10
N ILE B 49 -27.98 -4.55 17.84
CA ILE B 49 -27.06 -4.09 18.88
C ILE B 49 -26.95 -2.58 18.90
N VAL B 50 -26.53 -1.98 17.79
CA VAL B 50 -26.43 -0.54 17.66
C VAL B 50 -27.57 -0.08 16.74
N LYS B 51 -28.47 0.72 17.28
CA LYS B 51 -29.61 1.19 16.50
C LYS B 51 -29.18 2.26 15.50
N GLN B 52 -28.86 1.84 14.28
CA GLN B 52 -28.40 2.76 13.25
C GLN B 52 -28.54 2.13 11.86
N GLY B 68 -21.83 -9.64 -0.06
CA GLY B 68 -22.09 -10.65 0.96
C GLY B 68 -21.64 -10.22 2.34
N ILE B 69 -21.15 -8.99 2.45
CA ILE B 69 -20.71 -8.41 3.71
C ILE B 69 -21.51 -7.15 3.96
N PHE B 70 -22.05 -7.02 5.16
CA PHE B 70 -22.92 -5.91 5.53
C PHE B 70 -22.13 -4.94 6.42
N GLU B 71 -22.17 -3.66 6.06
CA GLU B 71 -21.44 -2.62 6.77
C GLU B 71 -22.42 -1.63 7.37
N THR B 72 -22.26 -1.34 8.66
CA THR B 72 -23.04 -0.32 9.36
C THR B 72 -22.10 0.70 9.97
N LYS B 73 -22.50 1.96 9.93
CA LYS B 73 -21.69 3.06 10.42
C LYS B 73 -22.46 3.85 11.47
N PHE B 74 -21.76 4.22 12.54
CA PHE B 74 -22.35 5.05 13.57
C PHE B 74 -21.26 5.92 14.20
N GLN B 75 -21.66 7.08 14.69
CA GLN B 75 -20.75 8.08 15.21
C GLN B 75 -21.14 8.42 16.64
N VAL B 76 -20.16 8.38 17.55
CA VAL B 76 -20.38 8.70 18.96
C VAL B 76 -19.31 9.70 19.38
N ASP B 77 -19.74 10.88 19.83
CA ASP B 77 -18.83 11.95 20.25
C ASP B 77 -17.82 12.29 19.16
N LYS B 78 -18.31 12.35 17.92
CA LYS B 78 -17.54 12.82 16.77
C LYS B 78 -16.32 11.94 16.49
N VAL B 79 -16.49 10.62 16.61
CA VAL B 79 -15.50 9.66 16.12
C VAL B 79 -16.25 8.62 15.30
N ASN B 80 -15.63 8.18 14.21
CA ASN B 80 -16.28 7.29 13.26
C ASN B 80 -16.07 5.84 13.65
N PHE B 81 -17.14 5.06 13.60
CA PHE B 81 -17.11 3.63 13.82
C PHE B 81 -17.72 2.94 12.61
N HIS B 82 -17.03 1.95 12.08
CA HIS B 82 -17.44 1.29 10.84
C HIS B 82 -17.50 -0.22 11.11
N MET B 83 -18.70 -0.74 11.34
CA MET B 83 -18.88 -2.13 11.73
C MET B 83 -19.05 -3.02 10.50
N PHE B 84 -18.62 -4.27 10.62
CA PHE B 84 -18.64 -5.25 9.54
C PHE B 84 -19.39 -6.49 9.97
N ASP B 85 -20.18 -7.05 9.06
CA ASP B 85 -20.93 -8.28 9.29
C ASP B 85 -20.74 -9.20 8.09
N VAL B 86 -20.32 -10.43 8.36
CA VAL B 86 -20.10 -11.44 7.33
C VAL B 86 -21.06 -12.58 7.58
N GLY B 87 -21.85 -12.92 6.56
CA GLY B 87 -22.81 -14.00 6.66
C GLY B 87 -24.07 -13.76 5.86
N ARG B 93 -13.36 -23.11 8.73
CA ARG B 93 -14.65 -22.43 8.60
C ARG B 93 -14.46 -20.96 8.29
N ARG B 94 -13.51 -20.32 8.98
CA ARG B 94 -13.22 -18.91 8.81
C ARG B 94 -11.79 -18.78 8.29
N LYS B 95 -11.65 -18.84 6.96
CA LYS B 95 -10.36 -18.62 6.32
C LYS B 95 -10.09 -17.15 6.03
N TRP B 96 -11.14 -16.33 5.98
CA TRP B 96 -11.01 -14.91 5.69
C TRP B 96 -10.70 -14.07 6.93
N ILE B 97 -10.60 -14.69 8.10
CA ILE B 97 -10.39 -13.93 9.33
C ILE B 97 -9.03 -13.23 9.34
N GLN B 98 -8.11 -13.66 8.47
CA GLN B 98 -6.83 -12.98 8.37
C GLN B 98 -6.95 -11.61 7.73
N CYS B 99 -8.05 -11.34 7.03
CA CYS B 99 -8.27 -10.02 6.47
C CYS B 99 -8.52 -8.98 7.56
N PHE B 100 -9.14 -9.39 8.66
CA PHE B 100 -9.39 -8.50 9.79
C PHE B 100 -8.24 -8.57 10.79
N ASN B 101 -7.03 -8.39 10.30
CA ASN B 101 -5.85 -8.43 11.14
C ASN B 101 -5.66 -7.15 11.95
N ASP B 102 -6.07 -6.01 11.39
CA ASP B 102 -5.83 -4.72 12.02
C ASP B 102 -7.13 -3.99 12.33
N VAL B 103 -8.11 -4.68 12.88
CA VAL B 103 -9.34 -4.05 13.30
C VAL B 103 -9.17 -3.56 14.73
N THR B 104 -9.91 -2.51 15.08
CA THR B 104 -9.82 -1.94 16.42
C THR B 104 -10.31 -2.93 17.47
N ALA B 105 -11.41 -3.62 17.19
CA ALA B 105 -11.96 -4.56 18.15
C ALA B 105 -12.83 -5.57 17.43
N ILE B 106 -13.15 -6.66 18.14
CA ILE B 106 -14.11 -7.66 17.69
C ILE B 106 -15.28 -7.62 18.67
N ILE B 107 -16.50 -7.51 18.13
CA ILE B 107 -17.71 -7.48 18.94
C ILE B 107 -18.36 -8.85 18.82
N PHE B 108 -18.48 -9.54 19.95
CA PHE B 108 -19.04 -10.89 20.00
C PHE B 108 -20.38 -10.85 20.73
N VAL B 109 -21.42 -11.38 20.10
CA VAL B 109 -22.77 -11.38 20.65
C VAL B 109 -23.17 -12.81 20.96
N VAL B 110 -23.64 -13.04 22.18
CA VAL B 110 -23.98 -14.38 22.67
C VAL B 110 -25.37 -14.32 23.29
N ASP B 111 -26.24 -15.25 22.91
CA ASP B 111 -27.56 -15.38 23.51
C ASP B 111 -27.44 -16.14 24.83
N SER B 112 -27.56 -15.41 25.95
CA SER B 112 -27.44 -16.05 27.25
C SER B 112 -28.67 -16.86 27.60
N SER B 113 -29.82 -16.58 26.98
CA SER B 113 -31.03 -17.34 27.27
C SER B 113 -30.90 -18.80 26.84
N ASP B 114 -30.30 -19.05 25.68
CA ASP B 114 -30.22 -20.40 25.13
C ASP B 114 -29.13 -21.16 25.86
N TYR B 115 -29.53 -22.00 26.82
CA TYR B 115 -28.56 -22.79 27.57
C TYR B 115 -27.95 -23.89 26.71
N ASN B 116 -28.75 -24.47 25.80
CA ASN B 116 -28.26 -25.59 25.01
C ASN B 116 -27.11 -25.19 24.10
N ARG B 117 -27.20 -24.02 23.48
CA ARG B 117 -26.21 -23.57 22.52
C ARG B 117 -25.09 -22.75 23.16
N LEU B 118 -25.09 -22.62 24.49
CA LEU B 118 -24.02 -21.90 25.16
C LEU B 118 -22.67 -22.61 24.96
N GLN B 119 -22.67 -23.94 25.06
CA GLN B 119 -21.43 -24.67 24.87
C GLN B 119 -20.86 -24.45 23.47
N GLU B 120 -21.74 -24.32 22.47
CA GLU B 120 -21.28 -23.95 21.14
C GLU B 120 -20.70 -22.54 21.14
N ALA B 121 -21.31 -21.62 21.89
CA ALA B 121 -20.82 -20.26 21.94
C ALA B 121 -19.43 -20.17 22.56
N LEU B 122 -19.19 -20.90 23.66
CA LEU B 122 -17.88 -20.90 24.27
C LEU B 122 -16.82 -21.50 23.36
N ASN B 123 -17.17 -22.56 22.64
CA ASN B 123 -16.22 -23.15 21.70
C ASN B 123 -15.86 -22.17 20.60
N ASP B 124 -16.85 -21.43 20.09
CA ASP B 124 -16.57 -20.42 19.07
C ASP B 124 -15.74 -19.28 19.65
N PHE B 125 -16.05 -18.86 20.87
CA PHE B 125 -15.27 -17.79 21.50
C PHE B 125 -13.83 -18.25 21.75
N LYS B 126 -13.65 -19.51 22.17
CA LYS B 126 -12.31 -20.03 22.35
C LYS B 126 -11.56 -20.09 21.02
N SER B 127 -12.25 -20.47 19.95
CA SER B 127 -11.63 -20.53 18.64
C SER B 127 -11.22 -19.14 18.17
N ILE B 128 -12.07 -18.14 18.42
CA ILE B 128 -11.78 -16.79 17.94
C ILE B 128 -10.75 -16.09 18.81
N TRP B 129 -10.63 -16.49 20.09
CA TRP B 129 -9.65 -15.87 20.98
C TRP B 129 -8.23 -16.35 20.72
N ASN B 130 -8.06 -17.62 20.35
CA ASN B 130 -6.75 -18.19 20.14
C ASN B 130 -6.37 -18.26 18.66
N ASN B 131 -7.11 -17.56 17.80
CA ASN B 131 -6.77 -17.52 16.39
C ASN B 131 -5.39 -16.89 16.20
N ARG B 132 -4.62 -17.47 15.27
CA ARG B 132 -3.25 -16.99 15.06
C ARG B 132 -3.23 -15.55 14.56
N TRP B 133 -4.28 -15.12 13.86
CA TRP B 133 -4.33 -13.77 13.30
C TRP B 133 -4.95 -12.76 14.26
N LEU B 134 -5.50 -13.19 15.38
CA LEU B 134 -6.17 -12.29 16.31
C LEU B 134 -5.59 -12.39 17.71
N ARG B 135 -4.28 -12.60 17.81
CA ARG B 135 -3.64 -12.70 19.11
C ARG B 135 -3.49 -11.35 19.80
N THR B 136 -3.69 -10.25 19.09
CA THR B 136 -3.50 -8.92 19.65
C THR B 136 -4.73 -8.02 19.45
N ILE B 137 -5.92 -8.61 19.32
CA ILE B 137 -7.15 -7.86 19.08
C ILE B 137 -8.09 -8.08 20.24
N SER B 138 -8.52 -6.99 20.87
CA SER B 138 -9.44 -7.07 21.99
C SER B 138 -10.84 -7.44 21.51
N VAL B 139 -11.62 -8.02 22.43
CA VAL B 139 -12.97 -8.49 22.12
C VAL B 139 -13.94 -7.83 23.10
N ILE B 140 -14.96 -7.18 22.55
CA ILE B 140 -16.09 -6.68 23.33
C ILE B 140 -17.19 -7.71 23.24
N LEU B 141 -17.58 -8.25 24.38
CA LEU B 141 -18.46 -9.42 24.42
C LEU B 141 -19.79 -9.02 25.01
N PHE B 142 -20.87 -9.28 24.28
CA PHE B 142 -22.22 -8.87 24.65
C PHE B 142 -23.04 -10.10 25.03
N LEU B 143 -23.56 -10.13 26.25
CA LEU B 143 -24.55 -11.13 26.64
C LEU B 143 -25.92 -10.60 26.26
N ASN B 144 -26.30 -10.82 25.00
CA ASN B 144 -27.55 -10.28 24.51
C ASN B 144 -28.72 -11.05 25.12
N LYS B 145 -29.88 -10.38 25.16
CA LYS B 145 -31.12 -10.94 25.70
C LYS B 145 -30.96 -11.32 27.17
N GLN B 146 -30.53 -10.34 27.97
CA GLN B 146 -30.43 -10.57 29.40
C GLN B 146 -31.79 -10.65 30.06
N ASP B 147 -32.82 -10.06 29.46
CA ASP B 147 -34.16 -10.14 30.03
C ASP B 147 -34.73 -11.54 29.93
N LEU B 148 -34.49 -12.24 28.82
CA LEU B 148 -34.98 -13.60 28.68
C LEU B 148 -34.38 -14.51 29.75
N LEU B 149 -33.12 -14.27 30.10
CA LEU B 149 -32.51 -14.99 31.22
C LEU B 149 -33.19 -14.65 32.54
N ALA B 150 -33.61 -13.40 32.71
CA ALA B 150 -34.25 -12.99 33.95
C ALA B 150 -35.57 -13.71 34.16
N GLU B 151 -36.38 -13.83 33.11
CA GLU B 151 -37.66 -14.53 33.16
C GLU B 151 -37.55 -15.99 32.76
N LYS B 152 -36.38 -16.59 32.96
CA LYS B 152 -36.19 -18.03 32.80
C LYS B 152 -35.62 -18.70 34.04
N VAL B 153 -34.67 -18.06 34.71
CA VAL B 153 -34.16 -18.58 35.98
C VAL B 153 -35.23 -18.45 37.06
N LEU B 154 -35.96 -17.33 37.06
CA LEU B 154 -37.02 -17.13 38.04
C LEU B 154 -38.12 -18.17 37.91
N ALA B 155 -38.50 -18.50 36.67
CA ALA B 155 -39.51 -19.52 36.45
C ALA B 155 -39.03 -20.88 36.96
N GLY B 156 -37.78 -21.23 36.71
CA GLY B 156 -37.20 -22.46 37.21
C GLY B 156 -37.49 -23.69 36.38
N LYS B 157 -38.19 -23.55 35.24
CA LYS B 157 -38.48 -24.71 34.41
C LYS B 157 -37.20 -25.32 33.85
N SER B 158 -36.26 -24.49 33.43
CA SER B 158 -34.97 -24.93 32.90
C SER B 158 -33.86 -24.48 33.83
N LYS B 159 -32.96 -25.39 34.16
CA LYS B 159 -31.85 -25.12 35.05
C LYS B 159 -30.54 -25.20 34.28
N ILE B 160 -29.72 -24.15 34.39
CA ILE B 160 -28.44 -24.12 33.70
C ILE B 160 -27.41 -25.04 34.35
N GLU B 161 -27.70 -25.56 35.54
CA GLU B 161 -26.79 -26.51 36.18
C GLU B 161 -26.81 -27.87 35.50
N ASP B 162 -27.83 -28.15 34.69
CA ASP B 162 -27.89 -29.43 33.99
C ASP B 162 -26.81 -29.53 32.92
N TYR B 163 -26.66 -28.49 32.10
CA TYR B 163 -25.69 -28.51 31.02
C TYR B 163 -24.27 -28.30 31.53
N PHE B 164 -24.11 -27.47 32.56
CA PHE B 164 -22.82 -27.30 33.23
C PHE B 164 -22.94 -27.83 34.65
N PRO B 165 -22.52 -29.05 35.06
CA PRO B 165 -22.81 -29.50 36.45
C PRO B 165 -22.37 -28.57 37.61
N GLU B 166 -21.42 -27.68 37.40
CA GLU B 166 -20.82 -26.90 38.50
C GLU B 166 -21.62 -25.65 38.89
N PHE B 167 -22.80 -25.44 38.33
CA PHE B 167 -23.59 -24.30 38.84
C PHE B 167 -24.13 -24.81 40.18
N ALA B 168 -23.93 -26.11 40.43
CA ALA B 168 -24.41 -26.71 41.70
C ALA B 168 -23.74 -25.96 42.83
N ARG B 169 -22.42 -25.92 42.83
CA ARG B 169 -21.68 -25.17 43.86
C ARG B 169 -21.77 -23.65 43.59
N TYR B 170 -22.94 -23.12 43.24
CA TYR B 170 -23.02 -21.68 42.83
C TYR B 170 -22.82 -20.73 44.01
N THR B 171 -22.07 -19.65 43.79
CA THR B 171 -21.92 -18.60 44.81
C THR B 171 -21.81 -17.26 44.07
N THR B 172 -22.28 -16.15 44.63
CA THR B 172 -22.04 -14.87 43.93
C THR B 172 -20.89 -14.21 44.67
N PRO B 173 -19.76 -13.89 44.00
CA PRO B 173 -18.58 -13.38 44.69
C PRO B 173 -18.82 -12.00 45.32
N ASP B 183 -32.26 -10.80 42.15
CA ASP B 183 -32.32 -12.13 42.81
C ASP B 183 -30.97 -12.81 42.69
N PRO B 184 -30.46 -13.41 43.78
CA PRO B 184 -29.14 -13.98 43.76
C PRO B 184 -29.21 -15.06 42.69
N ARG B 185 -30.32 -15.77 42.64
CA ARG B 185 -30.42 -16.88 41.69
C ARG B 185 -30.26 -16.29 40.29
N VAL B 186 -30.63 -15.01 40.10
CA VAL B 186 -30.38 -14.47 38.76
C VAL B 186 -28.97 -13.89 38.68
N THR B 187 -28.54 -13.17 39.72
CA THR B 187 -27.23 -12.56 39.70
C THR B 187 -26.12 -13.61 39.63
N ARG B 188 -26.26 -14.69 40.42
CA ARG B 188 -25.27 -15.77 40.33
C ARG B 188 -25.35 -16.46 38.98
N ALA B 189 -26.54 -16.57 38.41
CA ALA B 189 -26.67 -17.11 37.06
C ALA B 189 -25.96 -16.23 36.04
N LYS B 190 -26.13 -14.91 36.17
CA LYS B 190 -25.45 -13.99 35.26
C LYS B 190 -23.95 -14.02 35.45
N TYR B 191 -23.49 -14.03 36.71
CA TYR B 191 -22.05 -13.99 36.98
C TYR B 191 -21.37 -15.29 36.57
N PHE B 192 -22.08 -16.41 36.66
CA PHE B 192 -21.50 -17.68 36.23
C PHE B 192 -21.23 -17.68 34.73
N ILE B 193 -22.15 -17.11 33.94
CA ILE B 193 -21.99 -17.11 32.50
C ILE B 193 -20.84 -16.20 32.09
N ARG B 194 -20.73 -15.02 32.72
CA ARG B 194 -19.63 -14.12 32.38
C ARG B 194 -18.29 -14.71 32.79
N LYS B 195 -18.28 -15.51 33.86
CA LYS B 195 -17.04 -16.14 34.29
C LYS B 195 -16.60 -17.22 33.31
N GLU B 196 -17.54 -17.92 32.69
CA GLU B 196 -17.19 -18.93 31.70
C GLU B 196 -16.49 -18.32 30.50
N PHE B 197 -16.97 -17.15 30.06
CA PHE B 197 -16.34 -16.47 28.94
C PHE B 197 -15.03 -15.81 29.35
N VAL B 198 -14.98 -15.22 30.54
CA VAL B 198 -13.76 -14.58 31.01
C VAL B 198 -12.66 -15.62 31.25
N ASP B 199 -13.03 -16.81 31.72
CA ASP B 199 -12.03 -17.84 32.00
C ASP B 199 -11.28 -18.23 30.72
N ILE B 200 -11.99 -18.35 29.60
CA ILE B 200 -11.32 -18.61 28.32
C ILE B 200 -10.40 -17.46 27.96
N SER B 201 -10.86 -16.22 28.16
CA SER B 201 -10.07 -15.05 27.81
C SER B 201 -8.80 -14.96 28.65
N THR B 202 -8.91 -15.24 29.95
CA THR B 202 -7.78 -15.14 30.86
C THR B 202 -6.87 -16.37 30.83
N ALA B 203 -7.26 -17.42 30.11
CA ALA B 203 -6.44 -18.62 30.06
C ALA B 203 -5.12 -18.35 29.35
N SER B 204 -5.14 -17.59 28.26
CA SER B 204 -3.93 -17.31 27.48
C SER B 204 -3.97 -15.86 27.03
N GLY B 205 -3.07 -15.52 26.11
CA GLY B 205 -2.97 -14.19 25.57
C GLY B 205 -1.88 -13.33 26.21
N ASP B 206 -1.43 -13.68 27.41
CA ASP B 206 -0.36 -12.97 28.12
C ASP B 206 -0.69 -11.50 28.34
N GLY B 207 -1.98 -11.17 28.40
CA GLY B 207 -2.40 -9.82 28.66
C GLY B 207 -2.30 -8.86 27.48
N ARG B 208 -1.94 -9.36 26.29
CA ARG B 208 -1.85 -8.49 25.13
C ARG B 208 -3.22 -7.94 24.75
N HIS B 209 -4.26 -8.77 24.82
CA HIS B 209 -5.62 -8.37 24.52
C HIS B 209 -6.55 -8.88 25.61
N ILE B 210 -7.57 -8.09 25.93
CA ILE B 210 -8.48 -8.39 27.03
C ILE B 210 -9.91 -8.30 26.54
N CYS B 211 -10.81 -8.94 27.29
CA CYS B 211 -12.23 -8.98 27.00
C CYS B 211 -12.97 -7.97 27.86
N TYR B 212 -14.09 -7.47 27.33
CA TYR B 212 -14.93 -6.48 28.02
C TYR B 212 -16.35 -7.04 28.09
N PRO B 213 -16.68 -7.79 29.13
CA PRO B 213 -18.02 -8.37 29.24
C PRO B 213 -19.09 -7.30 29.39
N HIS B 214 -20.27 -7.60 28.86
CA HIS B 214 -21.41 -6.70 28.93
C HIS B 214 -22.68 -7.52 28.89
N PHE B 215 -23.76 -6.93 29.42
CA PHE B 215 -25.07 -7.54 29.43
C PHE B 215 -26.05 -6.59 28.78
N THR B 216 -26.79 -7.07 27.77
CA THR B 216 -27.65 -6.22 26.96
C THR B 216 -29.01 -6.87 26.80
N CYS B 217 -29.93 -6.12 26.19
CA CYS B 217 -31.26 -6.60 25.89
C CYS B 217 -31.74 -5.92 24.62
N ALA B 218 -32.91 -6.35 24.13
CA ALA B 218 -33.46 -5.76 22.92
C ALA B 218 -33.82 -4.29 23.11
N VAL B 219 -34.38 -3.94 24.27
CA VAL B 219 -34.79 -2.56 24.53
C VAL B 219 -33.63 -1.66 24.93
N ASP B 220 -32.45 -2.23 25.17
CA ASP B 220 -31.30 -1.41 25.57
C ASP B 220 -30.84 -0.54 24.41
N THR B 221 -30.54 0.72 24.71
CA THR B 221 -30.13 1.69 23.71
C THR B 221 -28.75 2.28 23.94
N GLU B 222 -28.13 2.04 25.08
CA GLU B 222 -26.80 2.55 25.37
C GLU B 222 -25.73 1.50 25.03
N ASN B 223 -25.66 1.19 23.73
CA ASN B 223 -24.73 0.19 23.22
C ASN B 223 -23.56 0.77 22.47
N ALA B 224 -23.78 1.81 21.65
CA ALA B 224 -22.67 2.48 20.99
C ALA B 224 -21.80 3.21 22.00
N ARG B 225 -22.38 3.66 23.11
CA ARG B 225 -21.58 4.25 24.18
C ARG B 225 -20.65 3.22 24.80
N ARG B 226 -21.14 1.99 25.02
CA ARG B 226 -20.30 0.95 25.60
C ARG B 226 -19.14 0.60 24.68
N ILE B 227 -19.41 0.52 23.37
CA ILE B 227 -18.32 0.30 22.41
C ILE B 227 -17.38 1.49 22.40
N PHE B 228 -17.92 2.69 22.57
CA PHE B 228 -17.09 3.89 22.62
C PHE B 228 -16.15 3.87 23.82
N ASN B 229 -16.67 3.52 24.99
CA ASN B 229 -15.82 3.45 26.17
C ASN B 229 -14.80 2.33 26.06
N ASP B 230 -15.20 1.19 25.51
CA ASP B 230 -14.29 0.07 25.37
C ASP B 230 -13.20 0.34 24.34
N CYS B 231 -13.57 0.95 23.21
CA CYS B 231 -12.57 1.25 22.19
C CYS B 231 -11.58 2.31 22.69
N LYS B 232 -12.03 3.22 23.54
CA LYS B 232 -11.11 4.20 24.13
C LYS B 232 -10.07 3.52 25.00
N ASP B 233 -10.47 2.51 25.78
CA ASP B 233 -9.52 1.79 26.59
C ASP B 233 -8.56 0.96 25.75
N ILE B 234 -9.05 0.44 24.61
CA ILE B 234 -8.19 -0.34 23.72
C ILE B 234 -7.07 0.53 23.17
N ILE B 235 -7.41 1.74 22.72
CA ILE B 235 -6.41 2.64 22.17
C ILE B 235 -5.48 3.14 23.26
N LEU B 236 -6.03 3.43 24.45
CA LEU B 236 -5.22 3.93 25.55
C LEU B 236 -4.16 2.92 25.96
N GLN B 237 -4.52 1.64 26.00
CA GLN B 237 -3.56 0.62 26.43
C GLN B 237 -2.40 0.49 25.46
N MET B 238 -2.69 0.53 24.15
CA MET B 238 -1.60 0.47 23.18
C MET B 238 -0.69 1.68 23.29
N ASN B 239 -1.27 2.87 23.54
CA ASN B 239 -0.44 4.04 23.78
C ASN B 239 0.40 3.87 25.04
N LEU B 240 -0.18 3.27 26.07
CA LEU B 240 0.58 3.01 27.29
C LEU B 240 1.72 2.02 27.04
N ARG B 241 1.47 0.99 26.23
CA ARG B 241 2.51 0.01 25.96
C ARG B 241 3.67 0.62 25.20
N GLU B 242 3.39 1.45 24.18
CA GLU B 242 4.47 2.05 23.41
C GLU B 242 5.25 3.08 24.22
N TYR B 243 4.64 3.67 25.24
CA TYR B 243 5.35 4.53 26.17
C TYR B 243 6.01 3.75 27.29
N ASN B 244 5.86 2.42 27.30
CA ASN B 244 6.48 1.55 28.31
C ASN B 244 6.06 1.99 29.71
N LEU B 245 4.78 2.32 29.85
CA LEU B 245 4.25 2.84 31.10
C LEU B 245 3.44 1.78 31.84
N VAL B 246 2.43 1.20 31.20
CA VAL B 246 1.73 0.04 31.74
C VAL B 246 1.50 -0.99 30.63
N SER C 1 -26.28 -51.99 4.16
CA SER C 1 -26.73 -52.00 2.77
C SER C 1 -26.95 -50.59 2.25
N GLU C 2 -27.51 -50.48 1.05
CA GLU C 2 -27.80 -49.21 0.40
C GLU C 2 -26.52 -48.38 0.26
N LEU C 3 -26.28 -47.47 1.21
CA LEU C 3 -25.06 -46.67 1.17
C LEU C 3 -23.81 -47.49 1.44
N ASP C 4 -23.95 -48.63 2.13
CA ASP C 4 -22.79 -49.47 2.41
C ASP C 4 -22.19 -50.03 1.12
N GLN C 5 -23.05 -50.50 0.20
CA GLN C 5 -22.56 -51.00 -1.07
C GLN C 5 -21.88 -49.91 -1.88
N LEU C 6 -22.46 -48.70 -1.90
CA LEU C 6 -21.85 -47.59 -2.60
C LEU C 6 -20.52 -47.19 -1.95
N ARG C 7 -20.46 -47.22 -0.62
CA ARG C 7 -19.23 -46.86 0.08
C ARG C 7 -18.12 -47.86 -0.23
N GLN C 8 -18.45 -49.16 -0.26
CA GLN C 8 -17.45 -50.17 -0.58
C GLN C 8 -16.95 -50.02 -2.01
N GLU C 9 -17.84 -49.70 -2.94
CA GLU C 9 -17.43 -49.50 -4.33
C GLU C 9 -16.48 -48.31 -4.44
N ALA C 10 -16.76 -47.23 -3.71
CA ALA C 10 -15.86 -46.08 -3.74
C ALA C 10 -14.49 -46.43 -3.16
N GLU C 11 -14.45 -47.22 -2.09
CA GLU C 11 -13.18 -47.62 -1.50
C GLU C 11 -12.37 -48.48 -2.46
N GLN C 12 -13.03 -49.41 -3.15
CA GLN C 12 -12.33 -50.25 -4.12
C GLN C 12 -11.81 -49.44 -5.28
N LEU C 13 -12.58 -48.45 -5.73
CA LEU C 13 -12.13 -47.59 -6.83
C LEU C 13 -10.89 -46.79 -6.44
N LYS C 14 -10.87 -46.28 -5.20
CA LYS C 14 -9.70 -45.52 -4.75
C LYS C 14 -8.46 -46.39 -4.68
N ASN C 15 -8.61 -47.63 -4.19
CA ASN C 15 -7.49 -48.55 -4.13
C ASN C 15 -6.98 -48.91 -5.53
N GLN C 16 -7.91 -49.05 -6.48
CA GLN C 16 -7.51 -49.38 -7.85
C GLN C 16 -6.66 -48.26 -8.46
N ILE C 17 -7.04 -47.01 -8.24
CA ILE C 17 -6.27 -45.89 -8.78
C ILE C 17 -4.90 -45.83 -8.13
N ARG C 18 -4.82 -46.11 -6.83
CA ARG C 18 -3.53 -46.15 -6.15
C ARG C 18 -2.62 -47.20 -6.75
N ASP C 19 -3.16 -48.39 -7.02
CA ASP C 19 -2.37 -49.42 -7.68
C ASP C 19 -2.04 -49.04 -9.12
N ALA C 20 -3.00 -48.42 -9.82
CA ALA C 20 -2.74 -47.98 -11.19
C ALA C 20 -1.68 -46.89 -11.23
N ARG C 21 -1.71 -45.96 -10.27
CA ARG C 21 -0.68 -44.93 -10.22
C ARG C 21 0.68 -45.52 -9.88
N LYS C 22 0.71 -46.49 -8.97
CA LYS C 22 1.97 -47.12 -8.59
C LYS C 22 2.58 -47.92 -9.75
N ALA C 23 1.74 -48.41 -10.66
CA ALA C 23 2.22 -49.19 -11.79
C ALA C 23 2.94 -48.34 -12.84
N CYS C 24 2.84 -47.02 -12.75
CA CYS C 24 3.51 -46.12 -13.68
C CYS C 24 4.73 -45.45 -13.07
N ALA C 25 5.00 -45.68 -11.78
CA ALA C 25 6.13 -45.04 -11.10
C ALA C 25 7.37 -45.93 -11.21
N ASP C 26 7.87 -46.04 -12.44
CA ASP C 26 9.05 -46.86 -12.67
C ASP C 26 10.32 -46.20 -12.12
N ALA C 27 10.47 -44.90 -12.36
CA ALA C 27 11.66 -44.17 -11.90
C ALA C 27 11.25 -42.77 -11.45
N THR C 28 11.83 -42.35 -10.33
CA THR C 28 11.55 -41.03 -9.79
C THR C 28 12.21 -39.95 -10.65
N LEU C 29 11.53 -38.80 -10.74
CA LEU C 29 12.08 -37.67 -11.50
C LEU C 29 13.42 -37.21 -10.93
N SER C 30 13.59 -37.30 -9.61
CA SER C 30 14.88 -36.94 -9.02
C SER C 30 15.98 -37.87 -9.51
N GLN C 31 15.68 -39.17 -9.63
CA GLN C 31 16.67 -40.12 -10.13
C GLN C 31 17.07 -39.81 -11.57
N ILE C 32 16.10 -39.46 -12.42
CA ILE C 32 16.38 -39.21 -13.82
C ILE C 32 17.22 -37.95 -13.98
N THR C 33 16.93 -36.91 -13.20
CA THR C 33 17.56 -35.62 -13.36
C THR C 33 18.87 -35.47 -12.56
N ASN C 34 19.33 -36.53 -11.90
CA ASN C 34 20.60 -36.42 -11.21
C ASN C 34 21.76 -36.65 -12.17
N ASN C 35 21.72 -35.98 -13.32
CA ASN C 35 22.82 -35.97 -14.26
C ASN C 35 23.03 -34.60 -14.91
N ILE C 36 22.18 -33.63 -14.62
CA ILE C 36 22.23 -32.32 -15.26
C ILE C 36 22.96 -31.35 -14.34
N ASP C 37 23.64 -30.39 -14.96
CA ASP C 37 24.38 -29.39 -14.18
C ASP C 37 23.39 -28.49 -13.44
N PRO C 38 23.62 -28.23 -12.16
CA PRO C 38 22.73 -27.33 -11.42
C PRO C 38 22.80 -25.91 -11.96
N VAL C 39 21.70 -25.17 -11.79
CA VAL C 39 21.64 -23.79 -12.25
C VAL C 39 22.57 -22.89 -11.45
N GLY C 40 23.06 -23.36 -10.30
CA GLY C 40 23.97 -22.58 -9.50
C GLY C 40 23.28 -21.64 -8.54
N ARG C 41 23.80 -20.42 -8.42
CA ARG C 41 23.22 -19.41 -7.54
C ARG C 41 22.52 -18.35 -8.39
N ILE C 42 21.25 -18.11 -8.09
CA ILE C 42 20.45 -17.13 -8.80
C ILE C 42 20.52 -15.82 -8.00
N GLN C 43 21.15 -14.81 -8.59
CA GLN C 43 21.34 -13.51 -7.94
C GLN C 43 20.37 -12.52 -8.58
N MET C 44 19.16 -12.45 -8.02
CA MET C 44 18.14 -11.52 -8.47
C MET C 44 18.07 -10.36 -7.49
N ARG C 45 18.08 -9.14 -8.01
CA ARG C 45 18.13 -7.94 -7.20
C ARG C 45 16.88 -7.08 -7.43
N THR C 46 16.45 -6.39 -6.38
CA THR C 46 15.35 -5.45 -6.47
C THR C 46 15.72 -4.32 -7.41
N ARG C 47 15.01 -4.21 -8.54
CA ARG C 47 15.29 -3.16 -9.51
C ARG C 47 14.39 -1.94 -9.33
N ARG C 48 13.08 -2.14 -9.23
CA ARG C 48 12.15 -1.03 -9.16
C ARG C 48 11.06 -1.34 -8.15
N THR C 49 10.86 -0.41 -7.21
CA THR C 49 9.87 -0.55 -6.15
C THR C 49 8.70 0.39 -6.42
N LEU C 50 7.50 -0.05 -6.08
CA LEU C 50 6.28 0.68 -6.37
C LEU C 50 5.61 1.11 -5.07
N ARG C 51 5.39 2.41 -4.93
CA ARG C 51 4.79 2.99 -3.73
C ARG C 51 3.45 3.61 -4.06
N GLY C 52 2.56 3.66 -3.08
CA GLY C 52 1.28 4.28 -3.25
C GLY C 52 0.15 3.58 -2.51
N HIS C 53 0.35 2.32 -2.16
CA HIS C 53 -0.63 1.55 -1.42
C HIS C 53 -0.49 1.82 0.08
N LEU C 54 -1.62 1.95 0.76
CA LEU C 54 -1.62 2.25 2.18
C LEU C 54 -2.02 1.08 3.06
N ALA C 55 -2.61 0.04 2.49
CA ALA C 55 -3.00 -1.16 3.20
C ALA C 55 -2.30 -2.36 2.58
N LYS C 56 -2.59 -3.54 3.12
CA LYS C 56 -1.94 -4.76 2.64
C LYS C 56 -2.34 -5.07 1.21
N ILE C 57 -1.37 -5.52 0.42
CA ILE C 57 -1.60 -5.93 -0.95
C ILE C 57 -1.95 -7.41 -0.94
N TYR C 58 -3.11 -7.76 -1.50
CA TYR C 58 -3.58 -9.13 -1.50
C TYR C 58 -3.41 -9.85 -2.84
N ALA C 59 -3.37 -9.11 -3.95
CA ALA C 59 -3.28 -9.75 -5.25
C ALA C 59 -2.54 -8.82 -6.21
N MET C 60 -2.02 -9.42 -7.28
CA MET C 60 -1.37 -8.69 -8.35
C MET C 60 -1.35 -9.58 -9.57
N HIS C 61 -1.58 -8.98 -10.74
CA HIS C 61 -1.57 -9.71 -11.99
C HIS C 61 -0.81 -8.91 -13.04
N TRP C 62 0.04 -9.60 -13.80
CA TRP C 62 0.80 -8.97 -14.87
C TRP C 62 -0.06 -8.81 -16.11
N GLY C 63 0.34 -7.87 -16.96
CA GLY C 63 -0.27 -7.74 -18.26
C GLY C 63 0.43 -8.61 -19.29
N THR C 64 -0.29 -8.89 -20.38
CA THR C 64 0.29 -9.68 -21.45
C THR C 64 1.36 -8.91 -22.23
N ASP C 65 1.45 -7.59 -22.04
CA ASP C 65 2.52 -6.79 -22.62
C ASP C 65 3.76 -6.75 -21.73
N SER C 66 3.71 -7.38 -20.56
CA SER C 66 4.84 -7.49 -19.65
C SER C 66 5.32 -6.14 -19.14
N ARG C 67 4.48 -5.12 -19.21
CA ARG C 67 4.84 -3.80 -18.72
C ARG C 67 3.83 -3.25 -17.71
N LEU C 68 2.55 -3.47 -17.93
CA LEU C 68 1.51 -3.00 -17.03
C LEU C 68 1.09 -4.12 -16.09
N LEU C 69 0.94 -3.78 -14.81
CA LEU C 69 0.42 -4.70 -13.82
C LEU C 69 -0.61 -3.99 -12.96
N VAL C 70 -1.55 -4.76 -12.42
CA VAL C 70 -2.61 -4.24 -11.57
C VAL C 70 -2.50 -4.92 -10.20
N SER C 71 -2.65 -4.14 -9.14
CA SER C 71 -2.55 -4.63 -7.78
C SER C 71 -3.77 -4.22 -6.99
N ALA C 72 -4.20 -5.10 -6.08
CA ALA C 72 -5.37 -4.86 -5.24
C ALA C 72 -4.95 -4.81 -3.78
N SER C 73 -5.51 -3.87 -3.04
CA SER C 73 -5.18 -3.67 -1.63
C SER C 73 -6.45 -3.47 -0.81
N GLN C 74 -6.30 -3.63 0.51
CA GLN C 74 -7.43 -3.52 1.42
C GLN C 74 -7.93 -2.09 1.58
N ASP C 75 -7.23 -1.11 1.05
CA ASP C 75 -7.67 0.27 1.08
C ASP C 75 -8.79 0.57 0.08
N GLY C 76 -9.35 -0.46 -0.54
CA GLY C 76 -10.38 -0.25 -1.55
C GLY C 76 -9.88 0.44 -2.80
N LYS C 77 -8.66 0.15 -3.22
CA LYS C 77 -8.07 0.77 -4.39
C LYS C 77 -7.50 -0.27 -5.33
N LEU C 78 -7.72 -0.06 -6.62
CA LEU C 78 -7.04 -0.79 -7.68
C LEU C 78 -6.12 0.16 -8.41
N ILE C 79 -4.85 -0.19 -8.53
CA ILE C 79 -3.85 0.65 -9.16
C ILE C 79 -3.25 -0.09 -10.34
N ILE C 80 -3.15 0.58 -11.47
CA ILE C 80 -2.46 0.05 -12.65
C ILE C 80 -1.12 0.79 -12.77
N TRP C 81 -0.04 0.04 -12.78
CA TRP C 81 1.31 0.59 -12.75
C TRP C 81 1.99 0.42 -14.10
N ASP C 82 2.72 1.45 -14.51
CA ASP C 82 3.68 1.33 -15.61
C ASP C 82 5.02 0.96 -14.97
N SER C 83 5.34 -0.33 -14.97
CA SER C 83 6.48 -0.82 -14.22
C SER C 83 7.80 -0.24 -14.72
N TYR C 84 7.88 0.09 -16.00
CA TYR C 84 9.13 0.65 -16.54
C TYR C 84 9.44 2.01 -15.93
N THR C 85 8.44 2.86 -15.78
CA THR C 85 8.64 4.21 -15.27
C THR C 85 8.05 4.42 -13.88
N THR C 86 7.59 3.35 -13.22
CA THR C 86 6.95 3.39 -11.90
C THR C 86 5.76 4.34 -11.86
N ASN C 87 5.21 4.70 -13.01
CA ASN C 87 4.12 5.66 -13.07
C ASN C 87 2.79 4.99 -12.76
N LYS C 88 1.88 5.76 -12.17
CA LYS C 88 0.53 5.28 -11.88
C LYS C 88 -0.38 5.67 -13.03
N VAL C 89 -0.93 4.65 -13.70
CA VAL C 89 -1.79 4.89 -14.86
C VAL C 89 -3.24 5.10 -14.42
N HIS C 90 -3.72 4.32 -13.45
CA HIS C 90 -5.10 4.43 -13.02
C HIS C 90 -5.17 4.16 -11.52
N ALA C 91 -6.19 4.73 -10.88
CA ALA C 91 -6.48 4.49 -9.46
C ALA C 91 -8.00 4.30 -9.36
N ILE C 92 -8.45 3.05 -9.43
CA ILE C 92 -9.87 2.73 -9.47
C ILE C 92 -10.35 2.55 -8.03
N PRO C 93 -11.27 3.38 -7.55
CA PRO C 93 -11.89 3.11 -6.25
C PRO C 93 -12.79 1.89 -6.29
N LEU C 94 -12.90 1.21 -5.16
CA LEU C 94 -13.69 0.00 -5.05
C LEU C 94 -14.87 0.22 -4.11
N ARG C 95 -16.01 -0.35 -4.46
CA ARG C 95 -17.20 -0.24 -3.61
C ARG C 95 -17.03 -1.01 -2.30
N SER C 96 -16.18 -2.03 -2.27
CA SER C 96 -15.91 -2.81 -1.07
C SER C 96 -14.42 -2.80 -0.80
N SER C 97 -14.00 -2.54 0.43
CA SER C 97 -12.56 -2.49 0.76
C SER C 97 -11.98 -3.90 0.89
N TRP C 98 -12.84 -4.90 0.89
CA TRP C 98 -12.38 -6.28 1.09
C TRP C 98 -12.23 -6.95 -0.27
N VAL C 99 -10.99 -7.06 -0.73
CA VAL C 99 -10.68 -7.70 -2.00
C VAL C 99 -9.58 -8.73 -1.78
N MET C 100 -9.72 -9.89 -2.43
CA MET C 100 -8.74 -10.95 -2.31
C MET C 100 -8.17 -11.41 -3.65
N THR C 101 -8.69 -10.92 -4.76
CA THR C 101 -8.25 -11.36 -6.08
C THR C 101 -8.15 -10.16 -7.02
N CYS C 102 -7.40 -10.35 -8.10
CA CYS C 102 -7.21 -9.30 -9.10
C CYS C 102 -6.78 -9.95 -10.40
N ALA C 103 -7.46 -9.61 -11.48
CA ALA C 103 -7.17 -10.17 -12.79
C ALA C 103 -7.06 -9.05 -13.82
N TYR C 104 -6.20 -9.26 -14.80
CA TYR C 104 -5.99 -8.32 -15.89
C TYR C 104 -6.27 -9.06 -17.19
N ALA C 105 -7.21 -8.53 -17.99
CA ALA C 105 -7.63 -9.21 -19.18
C ALA C 105 -6.47 -9.31 -20.18
N PRO C 106 -6.38 -10.42 -20.93
CA PRO C 106 -5.30 -10.55 -21.92
C PRO C 106 -5.30 -9.45 -22.96
N SER C 107 -6.47 -8.95 -23.35
CA SER C 107 -6.52 -7.85 -24.30
C SER C 107 -6.10 -6.53 -23.66
N GLY C 108 -6.14 -6.43 -22.34
CA GLY C 108 -5.80 -5.21 -21.65
C GLY C 108 -6.93 -4.21 -21.51
N ASN C 109 -8.13 -4.54 -22.02
CA ASN C 109 -9.26 -3.63 -21.96
C ASN C 109 -10.07 -3.73 -20.68
N TYR C 110 -9.84 -4.75 -19.86
CA TYR C 110 -10.62 -4.95 -18.65
C TYR C 110 -9.73 -5.43 -17.52
N VAL C 111 -10.18 -5.16 -16.29
CA VAL C 111 -9.59 -5.71 -15.08
C VAL C 111 -10.73 -6.27 -14.23
N ALA C 112 -10.38 -7.20 -13.35
CA ALA C 112 -11.37 -7.86 -12.50
C ALA C 112 -10.87 -7.87 -11.07
N CYS C 113 -11.81 -7.75 -10.13
CA CYS C 113 -11.49 -7.81 -8.71
C CYS C 113 -12.67 -8.42 -7.96
N GLY C 114 -12.38 -8.94 -6.77
CA GLY C 114 -13.40 -9.56 -5.96
C GLY C 114 -12.87 -9.85 -4.58
N GLY C 115 -13.78 -10.23 -3.69
CA GLY C 115 -13.41 -10.48 -2.31
C GLY C 115 -14.57 -10.94 -1.44
N LEU C 116 -14.69 -10.35 -0.26
CA LEU C 116 -15.70 -10.75 0.70
C LEU C 116 -17.11 -10.35 0.30
N ASP C 117 -17.27 -9.54 -0.73
CA ASP C 117 -18.59 -9.13 -1.22
C ASP C 117 -19.26 -10.20 -2.05
N ASN C 118 -18.58 -11.31 -2.35
CA ASN C 118 -19.11 -12.42 -3.12
C ASN C 118 -19.45 -12.00 -4.55
N ILE C 119 -18.75 -11.00 -5.08
CA ILE C 119 -19.05 -10.42 -6.37
C ILE C 119 -17.76 -10.24 -7.16
N CYS C 120 -17.79 -10.64 -8.44
CA CYS C 120 -16.72 -10.35 -9.39
C CYS C 120 -17.09 -9.07 -10.13
N SER C 121 -16.29 -8.03 -9.95
CA SER C 121 -16.53 -6.74 -10.60
C SER C 121 -15.54 -6.57 -11.74
N ILE C 122 -16.05 -6.19 -12.91
CA ILE C 122 -15.24 -6.06 -14.11
C ILE C 122 -15.26 -4.59 -14.53
N TYR C 123 -14.08 -4.00 -14.63
CA TYR C 123 -13.92 -2.58 -14.92
C TYR C 123 -13.39 -2.40 -16.35
N ASN C 124 -14.04 -1.52 -17.09
CA ASN C 124 -13.63 -1.21 -18.46
C ASN C 124 -12.71 0.01 -18.43
N LEU C 125 -11.49 -0.17 -18.95
CA LEU C 125 -10.48 0.87 -18.88
C LEU C 125 -10.40 1.73 -20.12
N LYS C 126 -10.64 1.17 -21.31
CA LYS C 126 -10.53 1.89 -22.57
C LYS C 126 -11.92 2.34 -22.98
N THR C 127 -12.41 3.39 -22.31
CA THR C 127 -13.70 3.98 -22.61
C THR C 127 -13.53 5.44 -22.98
N ARG C 128 -14.61 6.03 -23.47
CA ARG C 128 -14.70 7.48 -23.51
C ARG C 128 -14.86 8.00 -22.08
N GLU C 129 -15.01 9.32 -21.97
CA GLU C 129 -15.11 10.04 -20.70
C GLU C 129 -13.79 10.03 -19.93
N GLY C 130 -12.77 9.32 -20.40
CA GLY C 130 -11.47 9.32 -19.75
C GLY C 130 -11.45 8.80 -18.34
N ASN C 131 -12.45 8.04 -17.95
CA ASN C 131 -12.55 7.49 -16.60
C ASN C 131 -12.69 5.98 -16.66
N VAL C 132 -12.66 5.35 -15.48
CA VAL C 132 -12.84 3.92 -15.35
C VAL C 132 -14.18 3.67 -14.67
N ARG C 133 -15.06 2.95 -15.36
CA ARG C 133 -16.40 2.66 -14.86
C ARG C 133 -16.59 1.15 -14.79
N VAL C 134 -17.31 0.70 -13.77
CA VAL C 134 -17.64 -0.72 -13.67
C VAL C 134 -18.59 -1.07 -14.80
N SER C 135 -18.28 -2.16 -15.52
CA SER C 135 -19.10 -2.58 -16.64
C SER C 135 -19.95 -3.80 -16.34
N ARG C 136 -19.57 -4.60 -15.35
CA ARG C 136 -20.32 -5.78 -15.00
C ARG C 136 -20.09 -6.11 -13.53
N GLU C 137 -21.15 -6.54 -12.84
CA GLU C 137 -21.12 -6.87 -11.42
C GLU C 137 -21.68 -8.28 -11.29
N LEU C 138 -20.81 -9.28 -11.42
CA LEU C 138 -21.24 -10.67 -11.47
C LEU C 138 -21.63 -11.14 -10.08
N ALA C 139 -22.82 -11.72 -9.97
CA ALA C 139 -23.35 -12.21 -8.71
C ALA C 139 -23.91 -13.61 -8.89
N GLY C 140 -23.89 -14.39 -7.80
CA GLY C 140 -24.38 -15.75 -7.84
C GLY C 140 -23.57 -16.69 -6.96
N HIS C 141 -22.35 -16.29 -6.61
CA HIS C 141 -21.54 -17.07 -5.69
C HIS C 141 -21.97 -16.83 -4.26
N THR C 142 -22.09 -17.90 -3.49
CA THR C 142 -22.48 -17.82 -2.09
C THR C 142 -21.29 -17.77 -1.15
N GLY C 143 -20.07 -17.68 -1.68
CA GLY C 143 -18.88 -17.55 -0.86
C GLY C 143 -17.93 -16.53 -1.44
N TYR C 144 -16.94 -16.16 -0.64
CA TYR C 144 -15.98 -15.14 -1.04
C TYR C 144 -15.16 -15.63 -2.23
N LEU C 145 -14.93 -14.72 -3.17
CA LEU C 145 -14.07 -15.03 -4.31
C LEU C 145 -12.60 -15.05 -3.89
N SER C 146 -11.90 -16.10 -4.27
CA SER C 146 -10.47 -16.26 -3.98
C SER C 146 -9.60 -15.94 -5.19
N CYS C 147 -10.03 -16.31 -6.39
CA CYS C 147 -9.25 -16.07 -7.58
C CYS C 147 -10.18 -15.98 -8.79
N CYS C 148 -9.82 -15.13 -9.74
CA CYS C 148 -10.52 -15.00 -11.00
C CYS C 148 -9.52 -14.81 -12.12
N ARG C 149 -9.76 -15.47 -13.25
CA ARG C 149 -8.88 -15.39 -14.41
C ARG C 149 -9.71 -15.19 -15.66
N PHE C 150 -9.22 -14.33 -16.55
CA PHE C 150 -9.91 -14.01 -17.79
C PHE C 150 -9.59 -15.03 -18.86
N LEU C 151 -10.63 -15.56 -19.50
CA LEU C 151 -10.43 -16.35 -20.72
C LEU C 151 -10.33 -15.44 -21.94
N ASP C 152 -11.30 -14.54 -22.09
CA ASP C 152 -11.26 -13.51 -23.11
C ASP C 152 -12.04 -12.31 -22.56
N ASP C 153 -12.43 -11.40 -23.45
CA ASP C 153 -13.18 -10.23 -23.02
C ASP C 153 -14.60 -10.57 -22.59
N ASN C 154 -15.07 -11.79 -22.84
CA ASN C 154 -16.44 -12.17 -22.53
C ASN C 154 -16.57 -13.32 -21.53
N GLN C 155 -15.54 -14.11 -21.31
CA GLN C 155 -15.59 -15.24 -20.39
C GLN C 155 -14.60 -15.04 -19.27
N ILE C 156 -14.97 -15.51 -18.07
CA ILE C 156 -14.12 -15.43 -16.89
C ILE C 156 -14.46 -16.62 -15.99
N VAL C 157 -13.43 -17.15 -15.32
CA VAL C 157 -13.58 -18.25 -14.37
C VAL C 157 -13.26 -17.72 -12.99
N THR C 158 -14.17 -17.99 -12.04
CA THR C 158 -14.04 -17.49 -10.69
C THR C 158 -13.95 -18.65 -9.70
N SER C 159 -13.11 -18.48 -8.69
CA SER C 159 -12.98 -19.43 -7.59
C SER C 159 -13.56 -18.79 -6.34
N SER C 160 -14.45 -19.52 -5.67
CA SER C 160 -15.17 -18.99 -4.53
C SER C 160 -14.99 -19.86 -3.30
N GLY C 161 -15.46 -19.35 -2.17
CA GLY C 161 -15.49 -20.06 -0.91
C GLY C 161 -16.68 -20.96 -0.72
N ASP C 162 -17.53 -21.10 -1.72
CA ASP C 162 -18.62 -22.06 -1.69
C ASP C 162 -18.22 -23.43 -2.23
N THR C 163 -16.91 -23.72 -2.24
CA THR C 163 -16.37 -25.00 -2.72
C THR C 163 -16.70 -25.26 -4.18
N THR C 164 -16.92 -24.20 -4.96
CA THR C 164 -17.28 -24.35 -6.37
C THR C 164 -16.53 -23.32 -7.20
N CYS C 165 -16.45 -23.60 -8.50
CA CYS C 165 -15.92 -22.68 -9.49
C CYS C 165 -16.97 -22.48 -10.58
N ALA C 166 -16.90 -21.33 -11.24
CA ALA C 166 -17.92 -20.97 -12.21
C ALA C 166 -17.29 -20.34 -13.44
N LEU C 167 -17.99 -20.44 -14.56
CA LEU C 167 -17.61 -19.79 -15.81
C LEU C 167 -18.73 -18.84 -16.19
N TRP C 168 -18.40 -17.57 -16.37
CA TRP C 168 -19.39 -16.51 -16.56
C TRP C 168 -19.38 -16.00 -17.99
N ASP C 169 -20.56 -15.62 -18.47
CA ASP C 169 -20.69 -14.84 -19.69
C ASP C 169 -20.87 -13.38 -19.28
N ILE C 170 -19.86 -12.55 -19.54
CA ILE C 170 -19.83 -11.20 -19.00
C ILE C 170 -20.97 -10.37 -19.57
N GLU C 171 -21.22 -10.47 -20.88
CA GLU C 171 -22.28 -9.69 -21.50
C GLU C 171 -23.63 -10.02 -20.91
N THR C 172 -23.94 -11.32 -20.77
CA THR C 172 -25.20 -11.72 -20.17
C THR C 172 -25.16 -11.57 -18.65
N GLY C 173 -24.01 -11.78 -18.04
CA GLY C 173 -23.88 -11.71 -16.60
C GLY C 173 -24.27 -12.99 -15.88
N GLN C 174 -24.38 -14.11 -16.58
CA GLN C 174 -24.84 -15.36 -16.00
C GLN C 174 -23.69 -16.36 -15.90
N GLN C 175 -23.93 -17.41 -15.12
CA GLN C 175 -22.99 -18.50 -14.95
C GLN C 175 -23.24 -19.52 -16.06
N THR C 176 -22.35 -19.55 -17.06
CA THR C 176 -22.50 -20.52 -18.14
C THR C 176 -22.31 -21.95 -17.64
N THR C 177 -21.28 -22.17 -16.83
CA THR C 177 -20.96 -23.50 -16.34
C THR C 177 -20.47 -23.39 -14.90
N THR C 178 -20.93 -24.32 -14.05
CA THR C 178 -20.50 -24.40 -12.67
C THR C 178 -19.70 -25.67 -12.47
N PHE C 179 -18.70 -25.60 -11.59
CA PHE C 179 -17.78 -26.71 -11.33
C PHE C 179 -17.92 -27.12 -9.87
N THR C 180 -18.30 -28.38 -9.65
CA THR C 180 -18.58 -28.90 -8.32
C THR C 180 -17.75 -30.16 -8.09
N GLY C 181 -17.38 -30.39 -6.83
CA GLY C 181 -16.62 -31.56 -6.47
C GLY C 181 -15.63 -31.32 -5.36
N HIS C 182 -15.28 -30.06 -5.11
CA HIS C 182 -14.41 -29.71 -4.00
C HIS C 182 -15.18 -29.75 -2.68
N THR C 183 -14.52 -30.21 -1.63
CA THR C 183 -15.12 -30.27 -0.30
C THR C 183 -14.83 -29.03 0.52
N GLY C 184 -13.59 -28.54 0.50
CA GLY C 184 -13.21 -27.34 1.19
C GLY C 184 -13.25 -26.11 0.30
N ASP C 185 -12.85 -24.98 0.88
CA ASP C 185 -12.87 -23.72 0.16
C ASP C 185 -11.81 -23.72 -0.94
N VAL C 186 -12.22 -23.34 -2.15
CA VAL C 186 -11.30 -23.28 -3.28
C VAL C 186 -10.52 -21.97 -3.19
N MET C 187 -9.20 -22.07 -3.16
CA MET C 187 -8.36 -20.91 -2.89
C MET C 187 -7.59 -20.40 -4.10
N SER C 188 -7.19 -21.28 -5.02
CA SER C 188 -6.35 -20.90 -6.13
C SER C 188 -6.95 -21.42 -7.42
N LEU C 189 -6.45 -20.87 -8.54
CA LEU C 189 -6.97 -21.19 -9.86
C LEU C 189 -5.95 -20.79 -10.94
N SER C 190 -5.58 -21.72 -11.80
CA SER C 190 -4.60 -21.45 -12.86
C SER C 190 -5.14 -21.95 -14.18
N LEU C 191 -5.00 -21.13 -15.23
CA LEU C 191 -5.47 -21.48 -16.56
C LEU C 191 -4.35 -22.13 -17.36
N ALA C 192 -4.69 -23.17 -18.11
CA ALA C 192 -3.73 -23.82 -18.98
C ALA C 192 -3.39 -22.90 -20.16
N PRO C 193 -2.20 -23.06 -20.74
CA PRO C 193 -1.84 -22.23 -21.90
C PRO C 193 -2.81 -22.37 -23.07
N ASP C 194 -3.38 -23.56 -23.28
CA ASP C 194 -4.34 -23.75 -24.36
C ASP C 194 -5.76 -23.35 -23.96
N THR C 195 -5.97 -22.95 -22.71
CA THR C 195 -7.21 -22.38 -22.18
C THR C 195 -8.33 -23.42 -22.09
N ARG C 196 -8.12 -24.64 -22.61
CA ARG C 196 -9.17 -25.64 -22.59
C ARG C 196 -9.31 -26.35 -21.25
N LEU C 197 -8.35 -26.20 -20.35
CA LEU C 197 -8.39 -26.83 -19.04
C LEU C 197 -7.90 -25.83 -18.00
N PHE C 198 -8.23 -26.11 -16.73
CA PHE C 198 -7.69 -25.32 -15.63
C PHE C 198 -7.71 -26.17 -14.37
N VAL C 199 -6.81 -25.85 -13.45
CA VAL C 199 -6.69 -26.56 -12.18
C VAL C 199 -7.12 -25.63 -11.06
N SER C 200 -7.64 -26.22 -9.98
CA SER C 200 -8.09 -25.49 -8.82
C SER C 200 -7.54 -26.15 -7.56
N GLY C 201 -7.04 -25.35 -6.64
CA GLY C 201 -6.54 -25.83 -5.36
C GLY C 201 -7.45 -25.36 -4.24
N ALA C 202 -7.83 -26.29 -3.38
CA ALA C 202 -8.83 -26.02 -2.36
C ALA C 202 -8.32 -26.41 -0.99
N CYS C 203 -9.12 -26.10 0.04
CA CYS C 203 -8.77 -26.37 1.42
C CYS C 203 -8.92 -27.84 1.80
N ASP C 204 -9.46 -28.66 0.91
CA ASP C 204 -9.56 -30.10 1.15
C ASP C 204 -8.25 -30.83 0.90
N ALA C 205 -7.14 -30.10 0.78
CA ALA C 205 -5.82 -30.67 0.51
C ALA C 205 -5.83 -31.49 -0.78
N SER C 206 -6.53 -30.98 -1.79
CA SER C 206 -6.61 -31.67 -3.07
C SER C 206 -6.67 -30.65 -4.19
N ALA C 207 -6.27 -31.09 -5.38
CA ALA C 207 -6.35 -30.28 -6.59
C ALA C 207 -7.13 -31.05 -7.64
N LYS C 208 -7.86 -30.33 -8.47
CA LYS C 208 -8.72 -30.94 -9.47
C LYS C 208 -8.51 -30.27 -10.82
N LEU C 209 -8.44 -31.08 -11.86
CA LEU C 209 -8.31 -30.62 -13.24
C LEU C 209 -9.69 -30.65 -13.88
N TRP C 210 -10.12 -29.51 -14.40
CA TRP C 210 -11.46 -29.35 -14.94
C TRP C 210 -11.41 -29.11 -16.44
N ASP C 211 -12.46 -29.53 -17.14
CA ASP C 211 -12.64 -29.21 -18.54
C ASP C 211 -13.62 -28.05 -18.66
N VAL C 212 -13.19 -26.96 -19.30
CA VAL C 212 -14.02 -25.76 -19.38
C VAL C 212 -15.28 -26.04 -20.19
N ARG C 213 -15.13 -26.72 -21.33
CA ARG C 213 -16.28 -26.97 -22.18
C ARG C 213 -17.17 -28.07 -21.61
N GLU C 214 -16.58 -29.15 -21.10
CA GLU C 214 -17.38 -30.25 -20.59
C GLU C 214 -18.00 -29.92 -19.24
N GLY C 215 -17.30 -29.19 -18.39
CA GLY C 215 -17.81 -28.84 -17.08
C GLY C 215 -17.65 -29.88 -16.01
N MET C 216 -16.89 -30.94 -16.26
CA MET C 216 -16.72 -32.02 -15.32
C MET C 216 -15.24 -32.20 -14.98
N CYS C 217 -14.99 -32.73 -13.78
CA CYS C 217 -13.64 -32.99 -13.33
C CYS C 217 -13.06 -34.20 -14.05
N ARG C 218 -11.78 -34.12 -14.42
CA ARG C 218 -11.09 -35.20 -15.09
C ARG C 218 -10.10 -35.92 -14.19
N GLN C 219 -9.26 -35.18 -13.46
CA GLN C 219 -8.25 -35.78 -12.59
C GLN C 219 -8.25 -35.05 -11.26
N THR C 220 -8.15 -35.82 -10.18
CA THR C 220 -8.04 -35.28 -8.83
C THR C 220 -6.70 -35.69 -8.23
N PHE C 221 -5.98 -34.73 -7.66
CA PHE C 221 -4.64 -34.94 -7.16
C PHE C 221 -4.63 -34.75 -5.64
N THR C 222 -4.10 -35.74 -4.92
CA THR C 222 -4.11 -35.75 -3.47
C THR C 222 -2.75 -36.21 -2.98
N GLY C 223 -1.90 -35.26 -2.59
CA GLY C 223 -0.61 -35.58 -2.03
C GLY C 223 -0.17 -34.66 -0.91
N HIS C 224 -1.03 -33.72 -0.55
CA HIS C 224 -0.70 -32.69 0.42
C HIS C 224 -1.21 -33.07 1.80
N GLU C 225 -1.04 -32.17 2.76
CA GLU C 225 -1.49 -32.38 4.13
C GLU C 225 -2.26 -31.21 4.72
N SER C 226 -2.27 -30.05 4.08
CA SER C 226 -2.95 -28.87 4.59
C SER C 226 -3.61 -28.16 3.42
N ASP C 227 -4.07 -26.94 3.67
CA ASP C 227 -4.79 -26.18 2.66
C ASP C 227 -3.85 -25.81 1.51
N ILE C 228 -4.38 -25.82 0.30
CA ILE C 228 -3.61 -25.42 -0.89
C ILE C 228 -3.94 -23.97 -1.19
N ASN C 229 -2.94 -23.10 -1.12
CA ASN C 229 -3.13 -21.67 -1.32
C ASN C 229 -2.75 -21.20 -2.71
N ALA C 230 -1.84 -21.88 -3.39
CA ALA C 230 -1.33 -21.44 -4.68
C ALA C 230 -1.33 -22.60 -5.67
N ILE C 231 -1.41 -22.25 -6.94
CA ILE C 231 -1.38 -23.23 -8.02
C ILE C 231 -0.92 -22.52 -9.28
N CYS C 232 -0.27 -23.26 -10.17
CA CYS C 232 0.27 -22.69 -11.39
C CYS C 232 0.64 -23.81 -12.35
N PHE C 233 0.17 -23.70 -13.60
CA PHE C 233 0.54 -24.66 -14.63
C PHE C 233 2.01 -24.53 -15.03
N PHE C 234 2.60 -25.66 -15.39
CA PHE C 234 3.87 -25.66 -16.10
C PHE C 234 3.67 -25.01 -17.48
N PRO C 235 4.69 -24.34 -18.01
CA PRO C 235 4.53 -23.71 -19.32
C PRO C 235 4.15 -24.69 -20.42
N ASN C 236 4.57 -25.96 -20.31
CA ASN C 236 4.17 -26.96 -21.30
C ASN C 236 2.66 -27.19 -21.28
N GLY C 237 2.07 -27.21 -20.10
CA GLY C 237 0.66 -27.52 -19.94
C GLY C 237 0.36 -28.93 -19.50
N ASN C 238 1.40 -29.75 -19.29
CA ASN C 238 1.23 -31.12 -18.83
C ASN C 238 1.62 -31.31 -17.37
N ALA C 239 1.85 -30.23 -16.64
CA ALA C 239 2.19 -30.32 -15.23
C ALA C 239 1.78 -29.02 -14.54
N PHE C 240 1.73 -29.07 -13.21
CA PHE C 240 1.41 -27.88 -12.43
C PHE C 240 2.00 -28.04 -11.03
N ALA C 241 2.25 -26.90 -10.39
CA ALA C 241 2.82 -26.86 -9.05
C ALA C 241 1.82 -26.26 -8.07
N THR C 242 1.81 -26.79 -6.85
CA THR C 242 0.90 -26.35 -5.81
C THR C 242 1.69 -26.00 -4.55
N GLY C 243 1.25 -24.94 -3.87
CA GLY C 243 1.83 -24.56 -2.60
C GLY C 243 0.78 -24.66 -1.50
N SER C 244 1.19 -25.17 -0.34
CA SER C 244 0.28 -25.43 0.75
C SER C 244 0.76 -24.77 2.03
N ASP C 245 -0.03 -24.88 3.09
CA ASP C 245 0.35 -24.40 4.41
C ASP C 245 1.29 -25.34 5.13
N ASP C 246 1.54 -26.54 4.60
CA ASP C 246 2.47 -27.47 5.21
C ASP C 246 3.92 -27.18 4.83
N ALA C 247 4.19 -26.01 4.26
CA ALA C 247 5.54 -25.62 3.85
C ALA C 247 6.14 -26.63 2.87
N THR C 248 5.43 -26.86 1.77
CA THR C 248 5.86 -27.86 0.81
C THR C 248 5.22 -27.58 -0.54
N CYS C 249 6.06 -27.46 -1.57
CA CYS C 249 5.60 -27.42 -2.95
C CYS C 249 5.71 -28.80 -3.57
N ARG C 250 4.72 -29.15 -4.39
CA ARG C 250 4.71 -30.43 -5.07
C ARG C 250 4.37 -30.20 -6.54
N LEU C 251 5.08 -30.90 -7.42
CA LEU C 251 4.85 -30.82 -8.85
C LEU C 251 4.08 -32.07 -9.29
N PHE C 252 2.89 -31.86 -9.84
CA PHE C 252 2.03 -32.94 -10.29
C PHE C 252 2.03 -33.02 -11.81
N ASP C 253 1.92 -34.22 -12.33
CA ASP C 253 1.90 -34.47 -13.77
C ASP C 253 0.50 -34.87 -14.21
N LEU C 254 0.03 -34.28 -15.29
CA LEU C 254 -1.32 -34.58 -15.78
C LEU C 254 -1.38 -35.96 -16.40
N ARG C 255 -0.41 -36.31 -17.24
CA ARG C 255 -0.45 -37.58 -17.97
C ARG C 255 -0.13 -38.76 -17.06
N ALA C 256 0.88 -38.62 -16.20
CA ALA C 256 1.19 -39.68 -15.25
C ALA C 256 0.17 -39.74 -14.12
N ASP C 257 -0.61 -38.67 -13.92
CA ASP C 257 -1.67 -38.62 -12.91
C ASP C 257 -1.14 -38.88 -11.51
N GLN C 258 0.03 -38.31 -11.19
CA GLN C 258 0.58 -38.45 -9.86
C GLN C 258 1.66 -37.39 -9.65
N GLU C 259 2.12 -37.29 -8.41
CA GLU C 259 3.17 -36.35 -8.04
C GLU C 259 4.51 -36.75 -8.65
N LEU C 260 5.36 -35.76 -8.87
CA LEU C 260 6.70 -35.99 -9.40
C LEU C 260 7.80 -35.66 -8.39
N MET C 261 7.80 -34.46 -7.84
CA MET C 261 8.81 -34.06 -6.87
C MET C 261 8.18 -33.21 -5.78
N THR C 262 8.87 -33.14 -4.64
CA THR C 262 8.49 -32.29 -3.52
C THR C 262 9.60 -31.29 -3.27
N TYR C 263 9.22 -30.07 -2.93
CA TYR C 263 10.16 -28.99 -2.65
C TYR C 263 9.98 -28.57 -1.19
N SER C 264 10.86 -29.06 -0.32
CA SER C 264 10.73 -28.79 1.10
C SER C 264 12.12 -28.71 1.73
N HIS C 265 12.20 -27.97 2.83
CA HIS C 265 13.42 -27.86 3.61
C HIS C 265 13.07 -27.88 5.09
N ASP C 266 14.01 -28.34 5.91
CA ASP C 266 13.75 -28.49 7.33
C ASP C 266 13.63 -27.15 8.05
N ASN C 267 14.18 -26.08 7.49
CA ASN C 267 14.15 -24.77 8.13
C ASN C 267 12.97 -23.91 7.69
N ILE C 268 12.05 -24.45 6.89
CA ILE C 268 10.86 -23.75 6.46
C ILE C 268 9.66 -24.38 7.15
N ILE C 269 8.93 -23.60 7.92
CA ILE C 269 7.77 -24.08 8.66
C ILE C 269 6.55 -23.29 8.23
N CYS C 270 6.77 -22.05 7.80
CA CYS C 270 5.67 -21.18 7.39
C CYS C 270 5.04 -21.69 6.10
N GLY C 271 3.76 -21.34 5.92
CA GLY C 271 3.03 -21.77 4.75
C GLY C 271 3.45 -21.02 3.50
N ILE C 272 2.88 -21.46 2.38
CA ILE C 272 3.18 -20.90 1.07
C ILE C 272 1.96 -20.14 0.57
N THR C 273 2.20 -18.93 0.07
CA THR C 273 1.13 -18.05 -0.39
C THR C 273 0.94 -18.08 -1.90
N SER C 274 2.02 -17.96 -2.65
CA SER C 274 1.94 -17.86 -4.11
C SER C 274 3.11 -18.59 -4.75
N VAL C 275 2.85 -19.26 -5.87
CA VAL C 275 3.87 -19.94 -6.64
C VAL C 275 3.71 -19.56 -8.11
N SER C 276 4.83 -19.58 -8.83
CA SER C 276 4.81 -19.47 -10.29
C SER C 276 6.10 -20.04 -10.84
N PHE C 277 6.07 -20.38 -12.12
CA PHE C 277 7.22 -20.89 -12.83
C PHE C 277 7.94 -19.78 -13.58
N SER C 278 9.08 -20.11 -14.15
CA SER C 278 9.79 -19.20 -15.03
C SER C 278 9.36 -19.42 -16.47
N LYS C 279 10.03 -18.74 -17.41
CA LYS C 279 9.66 -18.86 -18.81
C LYS C 279 9.86 -20.28 -19.32
N SER C 280 10.98 -20.91 -18.96
CA SER C 280 11.30 -22.26 -19.40
C SER C 280 10.82 -23.34 -18.44
N GLY C 281 10.31 -22.97 -17.27
CA GLY C 281 9.87 -23.93 -16.29
C GLY C 281 10.96 -24.52 -15.42
N ARG C 282 12.21 -24.09 -15.61
CA ARG C 282 13.30 -24.62 -14.79
C ARG C 282 13.29 -24.05 -13.38
N LEU C 283 12.82 -22.83 -13.21
CA LEU C 283 12.82 -22.16 -11.92
C LEU C 283 11.39 -22.06 -11.40
N LEU C 284 11.20 -22.48 -10.15
CA LEU C 284 9.91 -22.37 -9.46
C LEU C 284 10.07 -21.36 -8.34
N LEU C 285 9.27 -20.29 -8.40
CA LEU C 285 9.33 -19.21 -7.42
C LEU C 285 8.12 -19.31 -6.51
N ALA C 286 8.38 -19.40 -5.20
CA ALA C 286 7.32 -19.56 -4.21
C ALA C 286 7.45 -18.48 -3.15
N GLY C 287 6.33 -17.85 -2.81
CA GLY C 287 6.29 -16.89 -1.73
C GLY C 287 5.83 -17.56 -0.44
N TYR C 288 6.40 -17.09 0.67
CA TYR C 288 6.18 -17.71 1.97
C TYR C 288 5.73 -16.67 2.99
N ASP C 289 5.37 -17.14 4.17
CA ASP C 289 4.93 -16.28 5.26
C ASP C 289 6.10 -15.71 6.05
N ASP C 290 7.33 -16.15 5.80
CA ASP C 290 8.50 -15.69 6.54
C ASP C 290 9.18 -14.50 5.87
N PHE C 291 8.41 -13.67 5.17
CA PHE C 291 8.80 -12.35 4.65
C PHE C 291 9.70 -12.43 3.42
N ASN C 292 9.94 -13.61 2.85
CA ASN C 292 10.82 -13.71 1.70
C ASN C 292 10.33 -14.82 0.77
N CYS C 293 10.96 -14.90 -0.39
CA CYS C 293 10.60 -15.86 -1.43
C CYS C 293 11.80 -16.75 -1.75
N ASN C 294 11.52 -18.00 -2.11
CA ASN C 294 12.54 -18.97 -2.43
C ASN C 294 12.46 -19.33 -3.91
N VAL C 295 13.63 -19.53 -4.52
CA VAL C 295 13.72 -19.93 -5.92
C VAL C 295 14.20 -21.38 -5.95
N TRP C 296 13.34 -22.26 -6.42
CA TRP C 296 13.62 -23.69 -6.47
C TRP C 296 14.01 -24.12 -7.87
N ASP C 297 14.94 -25.06 -7.95
CA ASP C 297 15.24 -25.75 -9.20
C ASP C 297 14.16 -26.80 -9.41
N ALA C 298 13.32 -26.61 -10.43
CA ALA C 298 12.15 -27.46 -10.61
C ALA C 298 12.50 -28.89 -10.97
N LEU C 299 13.73 -29.18 -11.38
CA LEU C 299 14.11 -30.52 -11.77
C LEU C 299 14.94 -31.24 -10.71
N LYS C 300 15.53 -30.53 -9.76
CA LYS C 300 16.38 -31.15 -8.76
C LYS C 300 15.99 -30.81 -7.32
N ALA C 301 14.99 -29.95 -7.12
CA ALA C 301 14.51 -29.56 -5.78
C ALA C 301 15.65 -29.01 -4.92
N ASP C 302 16.33 -28.01 -5.46
CA ASP C 302 17.41 -27.33 -4.76
C ASP C 302 17.13 -25.85 -4.71
N ARG C 303 17.40 -25.23 -3.56
CA ARG C 303 17.18 -23.80 -3.38
C ARG C 303 18.24 -23.03 -4.17
N ALA C 304 17.85 -22.52 -5.34
CA ALA C 304 18.78 -21.78 -6.17
C ALA C 304 19.03 -20.37 -5.62
N GLY C 305 18.05 -19.78 -4.94
CA GLY C 305 18.22 -18.43 -4.44
C GLY C 305 17.08 -18.04 -3.53
N VAL C 306 17.22 -16.85 -2.95
CA VAL C 306 16.24 -16.29 -2.03
C VAL C 306 15.97 -14.84 -2.43
N LEU C 307 14.71 -14.47 -2.44
CA LEU C 307 14.28 -13.08 -2.69
C LEU C 307 13.81 -12.51 -1.35
N ALA C 308 14.70 -11.77 -0.69
CA ALA C 308 14.44 -11.25 0.66
C ALA C 308 14.51 -9.73 0.62
N GLY C 309 13.36 -9.09 0.44
CA GLY C 309 13.30 -7.64 0.44
C GLY C 309 12.07 -7.07 1.11
N HIS C 310 11.24 -7.94 1.67
CA HIS C 310 9.98 -7.54 2.28
C HIS C 310 10.03 -7.74 3.78
N ASP C 311 9.38 -6.83 4.51
CA ASP C 311 9.28 -6.93 5.96
C ASP C 311 7.89 -7.34 6.42
N ASN C 312 7.08 -7.91 5.53
CA ASN C 312 5.82 -8.52 5.90
C ASN C 312 5.55 -9.70 4.97
N ARG C 313 4.40 -10.34 5.17
CA ARG C 313 4.03 -11.52 4.40
C ARG C 313 3.99 -11.22 2.90
N VAL C 314 4.64 -12.06 2.11
CA VAL C 314 4.59 -11.96 0.65
C VAL C 314 3.31 -12.65 0.20
N SER C 315 2.30 -11.86 -0.19
CA SER C 315 0.99 -12.41 -0.48
C SER C 315 0.87 -12.86 -1.94
N CYS C 316 1.40 -12.07 -2.87
CA CYS C 316 1.25 -12.33 -4.28
C CYS C 316 2.60 -12.27 -4.98
N LEU C 317 2.74 -13.05 -6.04
CA LEU C 317 3.98 -13.14 -6.79
C LEU C 317 3.66 -13.55 -8.21
N GLY C 318 4.29 -12.90 -9.17
CA GLY C 318 4.00 -13.15 -10.57
C GLY C 318 5.20 -12.96 -11.45
N VAL C 319 5.21 -13.66 -12.59
CA VAL C 319 6.31 -13.65 -13.53
C VAL C 319 5.79 -13.17 -14.88
N THR C 320 6.52 -12.24 -15.50
CA THR C 320 6.09 -11.68 -16.77
C THR C 320 6.08 -12.74 -17.86
N ASP C 321 5.35 -12.43 -18.93
CA ASP C 321 5.27 -13.35 -20.07
C ASP C 321 6.62 -13.53 -20.73
N ASP C 322 7.38 -12.44 -20.89
CA ASP C 322 8.69 -12.53 -21.52
C ASP C 322 9.78 -13.00 -20.56
N GLY C 323 9.48 -13.11 -19.27
CA GLY C 323 10.43 -13.62 -18.31
C GLY C 323 11.47 -12.63 -17.85
N MET C 324 11.34 -11.35 -18.18
CA MET C 324 12.34 -10.37 -17.78
C MET C 324 12.34 -10.14 -16.28
N ALA C 325 11.16 -9.95 -15.69
CA ALA C 325 11.06 -9.50 -14.30
C ALA C 325 10.15 -10.43 -13.51
N VAL C 326 10.27 -10.33 -12.20
CA VAL C 326 9.41 -11.01 -11.25
C VAL C 326 8.86 -9.97 -10.28
N ALA C 327 7.54 -9.93 -10.12
CA ALA C 327 6.90 -8.95 -9.25
C ALA C 327 6.40 -9.65 -8.00
N THR C 328 6.71 -9.08 -6.84
CA THR C 328 6.27 -9.59 -5.55
C THR C 328 5.53 -8.48 -4.81
N GLY C 329 4.33 -8.78 -4.36
CA GLY C 329 3.56 -7.87 -3.52
C GLY C 329 3.44 -8.46 -2.13
N SER C 330 3.52 -7.61 -1.12
CA SER C 330 3.53 -8.06 0.26
C SER C 330 2.51 -7.29 1.08
N TRP C 331 2.38 -7.68 2.35
CA TRP C 331 1.49 -7.04 3.29
C TRP C 331 2.04 -5.70 3.80
N ASP C 332 3.27 -5.35 3.45
CA ASP C 332 3.84 -4.05 3.79
C ASP C 332 3.42 -2.95 2.83
N SER C 333 2.41 -3.18 1.99
CA SER C 333 1.91 -2.19 1.03
C SER C 333 3.00 -1.76 0.04
N PHE C 334 3.82 -2.71 -0.39
CA PHE C 334 4.89 -2.42 -1.35
C PHE C 334 4.91 -3.49 -2.43
N LEU C 335 5.32 -3.08 -3.63
CA LEU C 335 5.50 -3.97 -4.76
C LEU C 335 6.95 -3.86 -5.23
N LYS C 336 7.60 -5.00 -5.40
CA LYS C 336 9.00 -5.05 -5.79
C LYS C 336 9.14 -5.83 -7.09
N ILE C 337 10.02 -5.35 -7.97
CA ILE C 337 10.29 -5.99 -9.25
C ILE C 337 11.73 -6.47 -9.23
N TRP C 338 11.94 -7.75 -9.52
CA TRP C 338 13.24 -8.38 -9.44
C TRP C 338 13.66 -8.87 -10.82
N ASN C 339 14.96 -8.84 -11.07
CA ASN C 339 15.50 -9.22 -12.37
C ASN C 339 16.81 -9.98 -12.20
N ASN D 5 -32.34 -38.57 3.94
CA ASN D 5 -33.02 -39.72 3.37
C ASN D 5 -32.27 -40.25 2.15
N THR D 6 -32.74 -39.87 0.96
CA THR D 6 -32.12 -40.30 -0.28
C THR D 6 -30.98 -39.39 -0.72
N ALA D 7 -30.71 -38.31 0.01
CA ALA D 7 -29.62 -37.42 -0.34
C ALA D 7 -28.27 -38.13 -0.23
N SER D 8 -28.10 -38.95 0.80
CA SER D 8 -26.84 -39.68 0.96
C SER D 8 -26.61 -40.64 -0.19
N ILE D 9 -27.65 -41.33 -0.64
CA ILE D 9 -27.52 -42.25 -1.77
C ILE D 9 -27.13 -41.50 -3.03
N ALA D 10 -27.77 -40.35 -3.28
CA ALA D 10 -27.44 -39.55 -4.45
C ALA D 10 -26.00 -39.05 -4.40
N GLN D 11 -25.55 -38.59 -3.23
CA GLN D 11 -24.16 -38.16 -3.09
C GLN D 11 -23.20 -39.31 -3.26
N ALA D 12 -23.53 -40.48 -2.71
CA ALA D 12 -22.66 -41.65 -2.86
C ALA D 12 -22.59 -42.10 -4.31
N ARG D 13 -23.73 -42.04 -5.02
CA ARG D 13 -23.73 -42.40 -6.44
C ARG D 13 -22.86 -41.45 -7.25
N LYS D 14 -22.90 -40.16 -6.93
CA LYS D 14 -22.07 -39.20 -7.65
C LYS D 14 -20.59 -39.45 -7.40
N LEU D 15 -20.23 -39.80 -6.17
CA LEU D 15 -18.83 -40.08 -5.85
C LEU D 15 -18.31 -41.27 -6.63
N VAL D 16 -19.11 -42.33 -6.72
CA VAL D 16 -18.68 -43.51 -7.47
C VAL D 16 -18.53 -43.20 -8.94
N GLU D 17 -19.48 -42.45 -9.52
CA GLU D 17 -19.41 -42.11 -10.93
C GLU D 17 -18.18 -41.26 -11.23
N GLN D 18 -17.89 -40.28 -10.38
CA GLN D 18 -16.70 -39.47 -10.56
C GLN D 18 -15.43 -40.31 -10.40
N LEU D 19 -15.42 -41.21 -9.40
CA LEU D 19 -14.26 -42.07 -9.20
C LEU D 19 -14.05 -43.00 -10.39
N LYS D 20 -15.14 -43.56 -10.93
CA LYS D 20 -15.01 -44.46 -12.07
C LYS D 20 -14.46 -43.75 -13.29
N MET D 21 -14.89 -42.50 -13.52
CA MET D 21 -14.37 -41.74 -14.66
C MET D 21 -12.87 -41.46 -14.51
N GLU D 22 -12.43 -41.15 -13.30
CA GLU D 22 -11.01 -40.92 -13.06
C GLU D 22 -10.21 -42.21 -13.05
N ALA D 23 -10.83 -43.33 -12.65
CA ALA D 23 -10.14 -44.61 -12.58
C ALA D 23 -9.91 -45.24 -13.94
N ASN D 24 -10.56 -44.75 -14.99
CA ASN D 24 -10.42 -45.28 -16.34
C ASN D 24 -9.96 -44.14 -17.25
N ILE D 25 -8.65 -43.91 -17.30
CA ILE D 25 -8.07 -42.87 -18.14
C ILE D 25 -6.73 -43.37 -18.66
N ASP D 26 -6.26 -42.76 -19.74
CA ASP D 26 -4.97 -43.10 -20.32
C ASP D 26 -3.86 -42.53 -19.46
N ARG D 27 -2.87 -43.37 -19.14
CA ARG D 27 -1.76 -42.97 -18.29
C ARG D 27 -0.45 -43.33 -18.97
N ILE D 28 0.59 -42.55 -18.66
CA ILE D 28 1.94 -42.80 -19.14
C ILE D 28 2.84 -42.97 -17.93
N LYS D 29 4.02 -43.53 -18.16
CA LYS D 29 4.96 -43.80 -17.08
C LYS D 29 5.64 -42.52 -16.63
N VAL D 30 6.10 -42.54 -15.36
CA VAL D 30 6.74 -41.37 -14.79
C VAL D 30 8.03 -41.05 -15.50
N SER D 31 8.76 -42.08 -15.97
CA SER D 31 10.01 -41.85 -16.68
C SER D 31 9.79 -41.03 -17.94
N LYS D 32 8.75 -41.35 -18.71
CA LYS D 32 8.45 -40.56 -19.90
C LYS D 32 8.00 -39.15 -19.51
N ALA D 33 7.18 -39.03 -18.46
CA ALA D 33 6.78 -37.72 -17.98
C ALA D 33 7.98 -36.93 -17.48
N ALA D 34 8.88 -37.59 -16.76
CA ALA D 34 10.09 -36.92 -16.29
C ALA D 34 10.97 -36.47 -17.45
N ALA D 35 11.11 -37.32 -18.47
CA ALA D 35 11.94 -36.97 -19.62
C ALA D 35 11.35 -35.82 -20.40
N ASP D 36 10.03 -35.81 -20.58
CA ASP D 36 9.39 -34.74 -21.35
C ASP D 36 9.55 -33.38 -20.68
N LEU D 37 9.40 -33.34 -19.35
CA LEU D 37 9.62 -32.08 -18.64
C LEU D 37 11.08 -31.63 -18.76
N MET D 38 12.01 -32.57 -18.66
CA MET D 38 13.42 -32.23 -18.82
C MET D 38 13.72 -31.69 -20.21
N ALA D 39 13.18 -32.33 -21.25
CA ALA D 39 13.46 -31.89 -22.61
C ALA D 39 12.95 -30.49 -22.85
N TYR D 40 11.78 -30.15 -22.31
CA TYR D 40 11.23 -28.80 -22.47
C TYR D 40 12.11 -27.77 -21.78
N CYS D 41 12.67 -28.13 -20.62
CA CYS D 41 13.44 -27.16 -19.85
C CYS D 41 14.71 -26.74 -20.59
N GLU D 42 15.46 -27.70 -21.14
CA GLU D 42 16.66 -27.35 -21.88
C GLU D 42 16.40 -26.97 -23.33
N ALA D 43 15.17 -27.14 -23.83
CA ALA D 43 14.82 -26.61 -25.13
C ALA D 43 14.51 -25.13 -25.11
N HIS D 44 14.22 -24.57 -23.93
CA HIS D 44 13.90 -23.15 -23.79
C HIS D 44 14.78 -22.46 -22.76
N ALA D 45 15.94 -23.06 -22.43
CA ALA D 45 16.81 -22.46 -21.42
C ALA D 45 17.46 -21.19 -21.93
N LYS D 46 17.65 -21.06 -23.25
CA LYS D 46 18.26 -19.86 -23.80
C LYS D 46 17.32 -18.67 -23.74
N GLU D 47 16.00 -18.92 -23.76
CA GLU D 47 15.00 -17.86 -23.76
C GLU D 47 14.45 -17.59 -22.37
N ASP D 48 15.23 -17.83 -21.33
CA ASP D 48 14.83 -17.58 -19.95
C ASP D 48 15.74 -16.53 -19.34
N PRO D 49 15.31 -15.26 -19.27
CA PRO D 49 16.17 -14.23 -18.69
C PRO D 49 16.52 -14.47 -17.22
N LEU D 50 15.61 -15.07 -16.45
CA LEU D 50 15.88 -15.28 -15.03
C LEU D 50 16.90 -16.40 -14.82
N LEU D 51 16.96 -17.36 -15.73
CA LEU D 51 17.94 -18.45 -15.60
C LEU D 51 19.34 -17.95 -15.96
N THR D 52 19.50 -17.47 -17.18
CA THR D 52 20.76 -16.86 -17.60
C THR D 52 20.60 -15.35 -17.59
N PRO D 53 21.26 -14.64 -16.67
CA PRO D 53 21.09 -13.18 -16.62
C PRO D 53 21.50 -12.52 -17.93
N VAL D 54 20.74 -11.50 -18.31
CA VAL D 54 20.91 -10.80 -19.58
C VAL D 54 21.67 -9.50 -19.31
N PRO D 55 22.52 -9.03 -20.22
CA PRO D 55 23.21 -7.77 -19.98
C PRO D 55 22.24 -6.59 -19.87
N ALA D 56 22.72 -5.52 -19.23
CA ALA D 56 21.89 -4.36 -18.94
C ALA D 56 21.40 -3.67 -20.21
N SER D 57 22.07 -3.88 -21.35
CA SER D 57 21.63 -3.26 -22.59
C SER D 57 20.29 -3.81 -23.06
N GLU D 58 19.88 -4.99 -22.59
CA GLU D 58 18.61 -5.57 -22.96
C GLU D 58 17.58 -5.57 -21.83
N ASN D 59 18.00 -5.36 -20.59
CA ASN D 59 17.06 -5.29 -19.47
C ASN D 59 16.28 -3.98 -19.53
N PRO D 60 14.96 -4.02 -19.61
CA PRO D 60 14.17 -2.78 -19.49
C PRO D 60 13.99 -2.31 -18.06
N PHE D 61 14.52 -3.03 -17.08
CA PHE D 61 14.41 -2.68 -15.67
C PHE D 61 15.75 -2.25 -15.07
N ARG D 62 16.73 -1.95 -15.91
CA ARG D 62 18.03 -1.51 -15.43
C ARG D 62 17.95 -0.11 -14.82
N ASP E 1 -22.00 11.81 -27.15
CA ASP E 1 -22.04 12.18 -25.74
C ASP E 1 -20.96 13.19 -25.40
N VAL E 2 -19.72 12.88 -25.77
CA VAL E 2 -18.61 13.79 -25.53
C VAL E 2 -18.77 15.00 -26.44
N GLN E 3 -18.72 16.19 -25.85
CA GLN E 3 -18.96 17.42 -26.60
C GLN E 3 -18.12 18.55 -26.03
N LEU E 4 -17.53 19.34 -26.92
CA LEU E 4 -16.79 20.55 -26.56
C LEU E 4 -17.42 21.70 -27.34
N VAL E 5 -18.18 22.54 -26.63
CA VAL E 5 -18.93 23.63 -27.24
C VAL E 5 -18.17 24.93 -27.01
N GLU E 6 -17.89 25.64 -28.11
CA GLU E 6 -17.13 26.88 -28.07
C GLU E 6 -18.03 28.07 -27.80
N SER E 7 -17.41 29.19 -27.43
CA SER E 7 -18.12 30.43 -27.20
C SER E 7 -17.15 31.59 -27.37
N GLY E 8 -17.70 32.78 -27.59
CA GLY E 8 -16.92 33.97 -27.80
C GLY E 8 -16.80 34.32 -29.27
N GLY E 9 -15.72 35.04 -29.58
CA GLY E 9 -15.44 35.41 -30.95
C GLY E 9 -16.22 36.62 -31.42
N GLY E 10 -16.04 36.93 -32.69
CA GLY E 10 -16.67 38.09 -33.29
C GLY E 10 -15.65 39.02 -33.92
N LEU E 11 -16.05 40.27 -34.17
CA LEU E 11 -15.17 41.27 -34.76
C LEU E 11 -14.58 42.12 -33.65
N VAL E 12 -13.24 42.13 -33.56
CA VAL E 12 -12.52 42.84 -32.51
C VAL E 12 -11.55 43.80 -33.17
N GLN E 13 -11.56 45.05 -32.71
CA GLN E 13 -10.61 46.03 -33.22
C GLN E 13 -9.19 45.66 -32.81
N PRO E 14 -8.20 45.97 -33.63
CA PRO E 14 -6.81 45.65 -33.27
C PRO E 14 -6.41 46.36 -31.98
N GLY E 15 -5.64 45.66 -31.15
CA GLY E 15 -5.28 46.16 -29.84
C GLY E 15 -6.31 45.94 -28.76
N GLY E 16 -7.42 45.27 -29.06
CA GLY E 16 -8.46 45.02 -28.09
C GLY E 16 -8.20 43.78 -27.27
N SER E 17 -9.21 43.39 -26.51
CA SER E 17 -9.15 42.21 -25.66
C SER E 17 -10.41 41.37 -25.85
N ARG E 18 -10.25 40.06 -25.73
CA ARG E 18 -11.35 39.13 -25.92
C ARG E 18 -11.11 37.91 -25.03
N LYS E 19 -12.18 37.13 -24.82
CA LYS E 19 -12.10 35.98 -23.92
C LYS E 19 -12.94 34.87 -24.55
N LEU E 20 -12.26 33.90 -25.15
CA LEU E 20 -12.92 32.73 -25.71
C LEU E 20 -13.13 31.68 -24.63
N SER E 21 -14.28 31.02 -24.65
CA SER E 21 -14.62 30.01 -23.67
C SER E 21 -15.17 28.79 -24.37
N CYS E 22 -14.72 27.61 -23.94
CA CYS E 22 -15.25 26.34 -24.43
C CYS E 22 -15.80 25.54 -23.27
N SER E 23 -17.03 25.06 -23.41
CA SER E 23 -17.71 24.31 -22.37
C SER E 23 -17.68 22.82 -22.70
N ALA E 24 -17.26 22.02 -21.74
CA ALA E 24 -17.16 20.57 -21.89
C ALA E 24 -18.26 19.91 -21.06
N SER E 25 -19.03 19.02 -21.69
CA SER E 25 -20.14 18.36 -21.01
C SER E 25 -20.29 16.97 -21.63
N GLY E 26 -19.87 15.95 -20.90
CA GLY E 26 -19.99 14.59 -21.39
C GLY E 26 -18.82 13.70 -21.03
N PHE E 27 -17.78 14.27 -20.44
CA PHE E 27 -16.59 13.50 -20.08
C PHE E 27 -15.96 14.12 -18.85
N ALA E 28 -15.01 13.39 -18.26
CA ALA E 28 -14.30 13.83 -17.06
C ALA E 28 -13.34 14.95 -17.46
N PHE E 29 -13.78 16.19 -17.26
CA PHE E 29 -12.99 17.34 -17.71
C PHE E 29 -11.75 17.55 -16.85
N SER E 30 -11.81 17.19 -15.57
CA SER E 30 -10.70 17.46 -14.68
C SER E 30 -9.46 16.63 -15.03
N SER E 31 -9.65 15.41 -15.54
CA SER E 31 -8.56 14.50 -15.79
C SER E 31 -7.96 14.67 -17.18
N PHE E 32 -8.39 15.66 -17.94
CA PHE E 32 -7.96 15.85 -19.32
C PHE E 32 -7.14 17.13 -19.44
N GLY E 33 -5.93 17.01 -19.97
CA GLY E 33 -5.21 18.19 -20.40
C GLY E 33 -5.84 18.78 -21.65
N MET E 34 -5.72 20.08 -21.81
CA MET E 34 -6.51 20.77 -22.82
C MET E 34 -5.63 21.71 -23.63
N HIS E 35 -5.93 21.83 -24.92
CA HIS E 35 -5.12 22.60 -25.84
C HIS E 35 -6.01 23.58 -26.61
N TRP E 36 -5.39 24.66 -27.09
CA TRP E 36 -6.01 25.59 -28.02
C TRP E 36 -5.23 25.56 -29.33
N VAL E 37 -5.94 25.35 -30.43
CA VAL E 37 -5.34 25.29 -31.77
C VAL E 37 -6.12 26.20 -32.69
N ARG E 38 -5.44 27.12 -33.35
CA ARG E 38 -6.09 28.00 -34.32
C ARG E 38 -5.93 27.46 -35.73
N GLN E 39 -6.65 28.09 -36.65
CA GLN E 39 -6.54 27.80 -38.08
C GLN E 39 -6.92 29.06 -38.85
N ALA E 40 -5.88 29.75 -39.33
CA ALA E 40 -6.04 31.06 -39.99
C ALA E 40 -7.18 31.09 -40.98
N PRO E 41 -7.67 32.30 -41.35
CA PRO E 41 -8.80 32.43 -42.24
C PRO E 41 -8.80 31.32 -43.30
N GLU E 42 -7.78 31.25 -44.14
CA GLU E 42 -7.78 30.22 -45.21
C GLU E 42 -6.43 29.51 -45.28
N LYS E 43 -5.80 29.28 -44.13
CA LYS E 43 -4.42 28.72 -44.13
C LYS E 43 -4.39 27.40 -43.37
N GLY E 44 -3.36 27.17 -42.57
CA GLY E 44 -3.18 25.85 -41.97
C GLY E 44 -3.58 25.71 -40.54
N LEU E 45 -2.89 24.83 -39.82
CA LEU E 45 -3.26 24.52 -38.45
C LEU E 45 -2.08 24.87 -37.55
N GLU E 46 -2.32 25.71 -36.53
CA GLU E 46 -1.27 26.21 -35.67
C GLU E 46 -1.66 26.04 -34.21
N TRP E 47 -0.72 25.57 -33.39
CA TRP E 47 -0.97 25.34 -31.98
C TRP E 47 -0.71 26.61 -31.18
N VAL E 48 -1.47 26.79 -30.10
CA VAL E 48 -1.44 28.06 -29.37
C VAL E 48 -0.98 27.85 -27.93
N ALA E 49 -1.75 27.09 -27.15
CA ALA E 49 -1.49 27.00 -25.72
C ALA E 49 -1.93 25.65 -25.18
N TYR E 50 -1.41 25.31 -24.00
CA TYR E 50 -1.73 24.06 -23.33
C TYR E 50 -1.80 24.30 -21.84
N ILE E 51 -2.80 23.71 -21.19
CA ILE E 51 -2.93 23.72 -19.74
C ILE E 51 -3.13 22.29 -19.28
N SER E 52 -2.33 21.85 -18.31
CA SER E 52 -2.37 20.49 -17.83
C SER E 52 -3.54 20.27 -16.89
N SER E 53 -3.86 19.01 -16.65
CA SER E 53 -4.85 18.67 -15.64
C SER E 53 -4.35 19.12 -14.27
N GLY E 54 -5.22 19.79 -13.52
CA GLY E 54 -4.84 20.38 -12.26
C GLY E 54 -4.22 21.76 -12.37
N SER E 55 -4.10 22.30 -13.58
CA SER E 55 -3.55 23.64 -13.83
C SER E 55 -2.13 23.77 -13.29
N GLY E 56 -1.36 22.70 -13.33
CA GLY E 56 -0.01 22.69 -12.83
C GLY E 56 1.07 22.89 -13.87
N THR E 57 0.72 23.00 -15.15
CA THR E 57 1.70 23.16 -16.21
C THR E 57 1.03 23.89 -17.37
N ILE E 58 1.59 25.02 -17.76
CA ILE E 58 1.03 25.86 -18.82
C ILE E 58 2.13 26.16 -19.83
N TYR E 59 1.81 26.00 -21.11
CA TYR E 59 2.74 26.24 -22.21
C TYR E 59 2.10 27.17 -23.23
N TYR E 60 2.92 28.03 -23.82
CA TYR E 60 2.48 28.98 -24.82
C TYR E 60 3.39 28.93 -26.04
N ALA E 61 2.82 29.26 -27.19
CA ALA E 61 3.63 29.53 -28.36
C ALA E 61 4.31 30.89 -28.22
N ASP E 62 5.44 31.05 -28.91
CA ASP E 62 6.18 32.30 -28.82
C ASP E 62 5.40 33.47 -29.40
N THR E 63 4.49 33.22 -30.34
CA THR E 63 3.72 34.30 -30.93
C THR E 63 2.77 34.93 -29.91
N VAL E 64 2.19 34.11 -29.04
CA VAL E 64 1.14 34.56 -28.13
C VAL E 64 1.64 34.72 -26.70
N LYS E 65 2.90 34.39 -26.43
CA LYS E 65 3.40 34.48 -25.06
C LYS E 65 3.46 35.93 -24.60
N GLY E 66 3.02 36.17 -23.38
CA GLY E 66 2.98 37.50 -22.82
C GLY E 66 1.71 38.27 -23.07
N ARG E 67 0.82 37.76 -23.94
CA ARG E 67 -0.44 38.43 -24.21
C ARG E 67 -1.62 37.47 -24.31
N PHE E 68 -1.42 36.18 -24.07
CA PHE E 68 -2.50 35.19 -24.01
C PHE E 68 -2.47 34.52 -22.65
N THR E 69 -3.64 34.27 -22.08
CA THR E 69 -3.74 33.59 -20.80
C THR E 69 -4.78 32.48 -20.91
N ILE E 70 -4.41 31.27 -20.51
CA ILE E 70 -5.28 30.10 -20.58
C ILE E 70 -5.55 29.61 -19.17
N SER E 71 -6.81 29.30 -18.90
CA SER E 71 -7.22 28.84 -17.58
C SER E 71 -8.39 27.89 -17.73
N ARG E 72 -8.64 27.10 -16.69
CA ARG E 72 -9.72 26.14 -16.69
C ARG E 72 -10.50 26.25 -15.39
N ASP E 73 -11.79 25.98 -15.46
CA ASP E 73 -12.68 25.97 -14.30
C ASP E 73 -13.22 24.54 -14.15
N ASP E 74 -12.55 23.76 -13.31
CA ASP E 74 -12.94 22.35 -13.14
C ASP E 74 -14.37 22.20 -12.63
N PRO E 75 -14.81 22.91 -11.58
CA PRO E 75 -16.22 22.79 -11.19
C PRO E 75 -17.20 23.19 -12.28
N LYS E 76 -16.86 24.17 -13.10
CA LYS E 76 -17.73 24.62 -14.18
C LYS E 76 -17.50 23.87 -15.48
N ASN E 77 -16.52 22.96 -15.52
CA ASN E 77 -16.23 22.14 -16.69
C ASN E 77 -16.02 22.98 -17.94
N THR E 78 -15.25 24.07 -17.80
CA THR E 78 -14.98 24.96 -18.90
C THR E 78 -13.56 25.48 -18.81
N LEU E 79 -13.03 25.89 -19.96
CA LEU E 79 -11.72 26.50 -20.04
C LEU E 79 -11.82 27.78 -20.86
N PHE E 80 -10.93 28.72 -20.58
CA PHE E 80 -10.96 30.03 -21.20
C PHE E 80 -9.61 30.37 -21.83
N LEU E 81 -9.63 31.35 -22.72
CA LEU E 81 -8.43 31.90 -23.32
C LEU E 81 -8.58 33.41 -23.37
N GLN E 82 -7.96 34.10 -22.42
CA GLN E 82 -8.04 35.56 -22.36
C GLN E 82 -6.96 36.15 -23.27
N MET E 83 -7.40 36.83 -24.32
CA MET E 83 -6.51 37.39 -25.33
C MET E 83 -6.39 38.89 -25.13
N THR E 84 -5.15 39.38 -25.07
CA THR E 84 -4.87 40.79 -24.88
C THR E 84 -3.95 41.29 -26.00
N SER E 85 -4.16 42.54 -26.39
CA SER E 85 -3.34 43.21 -27.41
C SER E 85 -3.31 42.41 -28.71
N LEU E 86 -4.46 41.84 -29.08
CA LEU E 86 -4.53 41.02 -30.28
C LEU E 86 -4.45 41.89 -31.54
N ARG E 87 -3.78 41.37 -32.57
CA ARG E 87 -3.53 42.08 -33.81
C ARG E 87 -4.19 41.30 -34.96
N SER E 88 -3.94 41.76 -36.18
CA SER E 88 -4.57 41.15 -37.35
C SER E 88 -4.09 39.72 -37.56
N GLU E 89 -2.89 39.38 -37.09
CA GLU E 89 -2.37 38.03 -37.25
C GLU E 89 -3.10 37.01 -36.37
N ASP E 90 -3.94 37.46 -35.46
CA ASP E 90 -4.67 36.57 -34.56
C ASP E 90 -6.04 36.16 -35.08
N THR E 91 -6.41 36.59 -36.29
CA THR E 91 -7.71 36.25 -36.87
C THR E 91 -7.67 34.82 -37.37
N ALA E 92 -8.40 33.93 -36.70
CA ALA E 92 -8.42 32.52 -37.04
C ALA E 92 -9.61 31.87 -36.36
N MET E 93 -9.82 30.59 -36.66
CA MET E 93 -10.83 29.78 -35.99
C MET E 93 -10.13 28.99 -34.89
N TYR E 94 -10.55 29.22 -33.64
CA TYR E 94 -9.86 28.69 -32.48
C TYR E 94 -10.54 27.41 -32.04
N TYR E 95 -9.88 26.28 -32.30
CA TYR E 95 -10.36 24.98 -31.88
C TYR E 95 -9.87 24.67 -30.47
N CYS E 96 -10.69 23.94 -29.73
CA CYS E 96 -10.37 23.51 -28.37
C CYS E 96 -10.25 22.00 -28.36
N VAL E 97 -9.12 21.50 -27.87
CA VAL E 97 -8.76 20.09 -27.99
C VAL E 97 -8.56 19.50 -26.61
N ARG E 98 -9.17 18.34 -26.37
CA ARG E 98 -8.95 17.58 -25.16
C ARG E 98 -7.79 16.61 -25.37
N SER E 99 -7.11 16.27 -24.27
CA SER E 99 -5.93 15.42 -24.37
C SER E 99 -5.69 14.77 -23.01
N ILE E 100 -5.27 13.51 -23.03
CA ILE E 100 -4.94 12.76 -21.83
C ILE E 100 -3.58 12.10 -22.04
N TYR E 101 -2.85 11.93 -20.94
CA TYR E 101 -1.45 11.50 -21.00
C TYR E 101 -1.19 10.41 -19.97
N TYR E 102 -1.24 9.15 -20.41
CA TYR E 102 -0.74 8.03 -19.64
C TYR E 102 -0.21 7.00 -20.63
N TYR E 103 0.24 5.86 -20.13
CA TYR E 103 0.79 4.84 -20.99
C TYR E 103 -0.32 4.21 -21.82
N GLY E 104 -0.17 4.25 -23.15
CA GLY E 104 -1.19 3.74 -24.04
C GLY E 104 -2.36 4.66 -24.28
N SER E 105 -2.26 5.92 -23.90
CA SER E 105 -3.35 6.88 -24.07
C SER E 105 -3.44 7.33 -25.52
N SER E 106 -4.48 8.10 -25.82
CA SER E 106 -4.74 8.61 -27.16
C SER E 106 -4.97 10.11 -27.08
N PRO E 107 -3.90 10.90 -26.95
CA PRO E 107 -4.06 12.36 -26.87
C PRO E 107 -4.57 12.94 -28.17
N PHE E 108 -5.17 14.13 -28.06
CA PHE E 108 -5.75 14.86 -29.19
C PHE E 108 -6.87 14.06 -29.85
N ASP E 109 -7.61 13.28 -29.06
CA ASP E 109 -8.62 12.40 -29.61
C ASP E 109 -9.87 13.16 -30.07
N PHE E 110 -10.33 14.13 -29.29
CA PHE E 110 -11.57 14.84 -29.58
C PHE E 110 -11.29 16.32 -29.80
N TRP E 111 -11.87 16.87 -30.86
CA TRP E 111 -11.81 18.29 -31.16
C TRP E 111 -13.22 18.86 -31.16
N GLY E 112 -13.34 20.12 -30.72
CA GLY E 112 -14.60 20.81 -30.73
C GLY E 112 -14.71 21.77 -31.89
N GLN E 113 -15.94 22.22 -32.15
CA GLN E 113 -16.14 23.23 -33.18
C GLN E 113 -15.44 24.53 -32.77
N GLY E 114 -14.86 25.21 -33.74
CA GLY E 114 -14.04 26.36 -33.45
C GLY E 114 -14.84 27.64 -33.27
N THR E 115 -14.12 28.69 -32.87
CA THR E 115 -14.67 30.03 -32.73
C THR E 115 -14.00 30.93 -33.75
N THR E 116 -14.80 31.60 -34.57
CA THR E 116 -14.27 32.48 -35.62
C THR E 116 -14.01 33.85 -35.01
N LEU E 117 -12.75 34.24 -34.95
CA LEU E 117 -12.33 35.55 -34.47
C LEU E 117 -11.78 36.35 -35.64
N THR E 118 -12.30 37.57 -35.82
CA THR E 118 -11.87 38.45 -36.90
C THR E 118 -11.37 39.75 -36.31
N VAL E 119 -10.10 40.06 -36.53
CA VAL E 119 -9.49 41.28 -36.04
C VAL E 119 -9.27 42.21 -37.24
N SER E 120 -9.92 43.36 -37.22
CA SER E 120 -9.82 44.32 -38.32
C SER E 120 -8.46 45.00 -38.33
N SER E 136 15.31 26.74 -32.93
CA SER E 136 15.17 25.66 -31.96
C SER E 136 13.75 25.08 -31.99
N ASP E 137 13.20 24.93 -33.19
CA ASP E 137 11.85 24.42 -33.37
C ASP E 137 11.89 23.32 -34.43
N ILE E 138 11.05 22.30 -34.24
CA ILE E 138 10.98 21.18 -35.18
C ILE E 138 10.11 21.59 -36.36
N VAL E 139 10.67 21.50 -37.56
CA VAL E 139 9.97 21.85 -38.79
C VAL E 139 9.53 20.56 -39.45
N MET E 140 8.22 20.41 -39.65
CA MET E 140 7.65 19.23 -40.29
C MET E 140 7.14 19.64 -41.65
N THR E 141 7.65 18.99 -42.70
CA THR E 141 7.39 19.37 -44.07
C THR E 141 6.48 18.34 -44.72
N GLN E 142 5.32 18.78 -45.18
CA GLN E 142 4.44 17.97 -46.01
C GLN E 142 4.55 18.51 -47.43
N ALA E 143 5.44 17.89 -48.22
CA ALA E 143 5.76 18.41 -49.54
C ALA E 143 4.54 18.44 -50.44
N THR E 144 3.74 17.37 -50.42
CA THR E 144 2.52 17.34 -51.21
C THR E 144 1.50 18.32 -50.65
N SER E 145 0.85 19.05 -51.56
CA SER E 145 -0.22 19.97 -51.18
C SER E 145 -1.57 19.60 -51.77
N SER E 146 -1.62 18.82 -52.85
CA SER E 146 -2.87 18.38 -53.44
C SER E 146 -2.58 17.22 -54.37
N VAL E 147 -3.31 16.12 -54.20
CA VAL E 147 -3.10 14.94 -55.03
C VAL E 147 -4.43 14.52 -55.66
N PRO E 148 -4.45 14.18 -56.96
CA PRO E 148 -5.68 13.65 -57.57
C PRO E 148 -5.92 12.22 -57.13
N VAL E 149 -7.12 11.96 -56.63
CA VAL E 149 -7.46 10.66 -56.05
C VAL E 149 -8.74 10.14 -56.71
N THR E 150 -8.71 8.89 -57.13
CA THR E 150 -9.87 8.17 -57.65
C THR E 150 -10.43 7.26 -56.58
N PRO E 151 -11.75 7.16 -56.45
CA PRO E 151 -12.32 6.27 -55.42
C PRO E 151 -11.90 4.83 -55.64
N GLY E 152 -11.69 4.10 -54.55
CA GLY E 152 -11.27 2.73 -54.62
C GLY E 152 -9.79 2.51 -54.81
N GLU E 153 -8.99 3.58 -54.91
CA GLU E 153 -7.56 3.48 -55.12
C GLU E 153 -6.83 3.56 -53.78
N SER E 154 -5.52 3.38 -53.82
CA SER E 154 -4.66 3.47 -52.66
C SER E 154 -3.88 4.77 -52.70
N VAL E 155 -3.86 5.49 -51.57
CA VAL E 155 -3.24 6.80 -51.48
C VAL E 155 -2.19 6.75 -50.37
N SER E 156 -1.01 7.29 -50.68
CA SER E 156 0.10 7.37 -49.73
C SER E 156 0.49 8.82 -49.56
N ILE E 157 0.54 9.29 -48.31
CA ILE E 157 0.91 10.66 -47.98
C ILE E 157 2.20 10.62 -47.18
N SER E 158 3.18 11.41 -47.61
CA SER E 158 4.50 11.41 -47.00
C SER E 158 4.68 12.63 -46.10
N CYS E 159 5.52 12.47 -45.08
CA CYS E 159 5.80 13.54 -44.14
C CYS E 159 7.24 13.42 -43.68
N ARG E 160 7.88 14.57 -43.48
CA ARG E 160 9.26 14.62 -43.01
C ARG E 160 9.39 15.67 -41.92
N SER E 161 10.37 15.47 -41.05
CA SER E 161 10.62 16.37 -39.93
C SER E 161 12.10 16.74 -39.88
N SER E 162 12.38 17.94 -39.36
CA SER E 162 13.75 18.41 -39.24
C SER E 162 14.52 17.69 -38.13
N LYS E 163 13.83 16.93 -37.28
CA LYS E 163 14.46 16.23 -36.19
C LYS E 163 13.89 14.82 -36.10
N SER E 164 14.67 13.89 -35.56
CA SER E 164 14.22 12.51 -35.41
C SER E 164 13.21 12.42 -34.27
N LEU E 165 11.99 12.04 -34.59
CA LEU E 165 10.94 11.93 -33.59
C LEU E 165 11.03 10.65 -32.77
N LEU E 166 11.85 9.69 -33.19
CA LEU E 166 12.02 8.45 -32.43
C LEU E 166 12.80 8.76 -31.15
N HIS E 167 12.12 8.64 -30.01
CA HIS E 167 12.74 8.91 -28.72
C HIS E 167 13.58 7.73 -28.28
N SER E 168 14.34 7.94 -27.20
CA SER E 168 15.17 6.89 -26.62
C SER E 168 14.36 5.80 -25.93
N ASN E 169 13.07 6.03 -25.69
CA ASN E 169 12.21 5.05 -25.04
C ASN E 169 11.48 4.14 -26.03
N GLY E 170 11.77 4.26 -27.33
CA GLY E 170 11.15 3.44 -28.33
C GLY E 170 9.88 4.01 -28.94
N ASN E 171 9.39 5.13 -28.43
CA ASN E 171 8.17 5.75 -28.94
C ASN E 171 8.53 6.88 -29.89
N THR E 172 7.89 6.89 -31.06
CA THR E 172 8.00 7.99 -32.01
C THR E 172 6.73 8.82 -31.96
N TYR E 173 6.89 10.12 -31.72
CA TYR E 173 5.76 10.99 -31.39
C TYR E 173 5.29 11.79 -32.61
N LEU E 174 4.66 11.08 -33.55
CA LEU E 174 4.03 11.71 -34.69
C LEU E 174 2.56 11.35 -34.74
N TYR E 175 1.73 12.31 -35.16
CA TYR E 175 0.28 12.19 -35.15
C TYR E 175 -0.27 12.58 -36.51
N TRP E 176 -1.42 12.01 -36.88
CA TRP E 176 -2.09 12.32 -38.14
C TRP E 176 -3.51 12.78 -37.86
N PHE E 177 -3.97 13.76 -38.63
CA PHE E 177 -5.30 14.33 -38.48
C PHE E 177 -5.95 14.52 -39.84
N LEU E 178 -7.28 14.38 -39.86
CA LEU E 178 -8.09 14.62 -41.05
C LEU E 178 -9.12 15.70 -40.76
N GLN E 179 -9.17 16.71 -41.63
CA GLN E 179 -10.14 17.79 -41.55
C GLN E 179 -10.98 17.79 -42.82
N ARG E 180 -12.17 17.23 -42.73
CA ARG E 180 -13.12 17.29 -43.83
C ARG E 180 -13.66 18.71 -43.97
N PRO E 181 -14.10 19.10 -45.16
CA PRO E 181 -14.63 20.47 -45.34
C PRO E 181 -15.81 20.73 -44.42
N GLY E 182 -15.72 21.84 -43.69
CA GLY E 182 -16.78 22.23 -42.77
C GLY E 182 -16.78 21.51 -41.44
N GLN E 183 -15.79 20.68 -41.15
CA GLN E 183 -15.74 19.91 -39.91
C GLN E 183 -14.40 20.13 -39.23
N SER E 184 -14.39 19.90 -37.92
CA SER E 184 -13.16 20.00 -37.15
C SER E 184 -12.27 18.79 -37.42
N PRO E 185 -10.96 18.95 -37.29
CA PRO E 185 -10.05 17.82 -37.55
C PRO E 185 -10.26 16.67 -36.58
N GLN E 186 -10.02 15.47 -37.07
CA GLN E 186 -10.22 14.22 -36.33
C GLN E 186 -8.92 13.44 -36.29
N LEU E 187 -8.65 12.82 -35.14
CA LEU E 187 -7.43 12.04 -34.99
C LEU E 187 -7.55 10.72 -35.76
N LEU E 188 -6.47 10.36 -36.45
CA LEU E 188 -6.39 9.10 -37.19
C LEU E 188 -5.34 8.17 -36.63
N ILE E 189 -4.09 8.62 -36.53
CA ILE E 189 -2.97 7.80 -36.10
C ILE E 189 -2.23 8.55 -35.00
N TYR E 190 -1.94 7.86 -33.90
CA TYR E 190 -1.13 8.41 -32.83
C TYR E 190 0.12 7.55 -32.66
N ARG E 191 1.28 8.22 -32.59
CA ARG E 191 2.59 7.56 -32.45
C ARG E 191 2.90 6.68 -33.66
N MET E 192 2.46 7.12 -34.84
CA MET E 192 2.87 6.64 -36.15
C MET E 192 2.30 5.26 -36.50
N SER E 193 1.71 4.57 -35.53
CA SER E 193 1.30 3.20 -35.79
C SER E 193 -0.06 2.82 -35.23
N ASN E 194 -0.66 3.62 -34.36
CA ASN E 194 -1.85 3.20 -33.62
C ASN E 194 -3.07 3.89 -34.20
N LEU E 195 -4.04 3.09 -34.64
CA LEU E 195 -5.30 3.63 -35.14
C LEU E 195 -6.11 4.24 -34.01
N ALA E 196 -6.72 5.39 -34.27
CA ALA E 196 -7.58 6.02 -33.29
C ALA E 196 -8.92 5.28 -33.22
N SER E 197 -9.57 5.38 -32.07
CA SER E 197 -10.84 4.71 -31.87
C SER E 197 -11.88 5.23 -32.85
N GLY E 198 -12.60 4.31 -33.49
CA GLY E 198 -13.59 4.66 -34.48
C GLY E 198 -13.05 4.91 -35.87
N VAL E 199 -11.74 4.77 -36.08
CA VAL E 199 -11.14 4.95 -37.39
C VAL E 199 -11.13 3.61 -38.11
N PRO E 200 -11.58 3.54 -39.36
CA PRO E 200 -11.60 2.26 -40.08
C PRO E 200 -10.19 1.71 -40.28
N ASP E 201 -10.13 0.38 -40.37
CA ASP E 201 -8.85 -0.33 -40.43
C ASP E 201 -8.07 -0.07 -41.71
N ARG E 202 -8.68 0.56 -42.71
CA ARG E 202 -7.97 0.81 -43.97
C ARG E 202 -6.89 1.87 -43.84
N PHE E 203 -6.81 2.58 -42.72
CA PHE E 203 -5.74 3.54 -42.48
C PHE E 203 -4.56 2.86 -41.81
N SER E 204 -3.36 3.18 -42.27
CA SER E 204 -2.15 2.62 -41.69
C SER E 204 -1.04 3.64 -41.77
N GLY E 205 -0.11 3.56 -40.81
CA GLY E 205 1.01 4.45 -40.77
C GLY E 205 2.31 3.73 -40.45
N SER E 206 3.40 4.17 -41.07
CA SER E 206 4.70 3.55 -40.86
C SER E 206 5.79 4.58 -41.10
N GLY E 207 7.04 4.18 -40.86
CA GLY E 207 8.16 5.04 -41.12
C GLY E 207 9.22 4.98 -40.04
N SER E 208 10.25 5.81 -40.17
CA SER E 208 11.30 5.93 -39.18
C SER E 208 11.47 7.41 -38.85
N GLY E 209 12.48 7.73 -38.05
CA GLY E 209 12.79 9.12 -37.79
C GLY E 209 13.09 9.85 -39.06
N THR E 210 12.53 11.05 -39.22
CA THR E 210 12.69 11.97 -40.33
C THR E 210 11.89 11.52 -41.56
N ALA E 211 11.27 10.34 -41.56
CA ALA E 211 10.58 9.84 -42.74
C ALA E 211 9.33 9.09 -42.29
N PHE E 212 8.16 9.63 -42.60
CA PHE E 212 6.90 9.06 -42.18
C PHE E 212 5.93 9.01 -43.37
N THR E 213 5.05 8.02 -43.34
CA THR E 213 4.14 7.76 -44.45
C THR E 213 2.78 7.35 -43.92
N LEU E 214 1.72 7.95 -44.46
CA LEU E 214 0.35 7.57 -44.17
C LEU E 214 -0.24 6.88 -45.39
N THR E 215 -0.68 5.64 -45.22
CA THR E 215 -1.20 4.83 -46.31
C THR E 215 -2.70 4.62 -46.12
N ILE E 216 -3.47 4.94 -47.15
CA ILE E 216 -4.91 4.72 -47.16
C ILE E 216 -5.21 3.72 -48.27
N SER E 217 -5.89 2.63 -47.92
CA SER E 217 -6.24 1.58 -48.87
C SER E 217 -7.75 1.58 -49.09
N ARG E 218 -8.15 1.41 -50.35
CA ARG E 218 -9.55 1.41 -50.75
C ARG E 218 -10.25 2.69 -50.30
N LEU E 219 -9.75 3.81 -50.83
CA LEU E 219 -10.30 5.11 -50.48
C LEU E 219 -11.74 5.24 -50.97
N GLU E 220 -12.56 5.92 -50.19
CA GLU E 220 -13.98 6.07 -50.47
C GLU E 220 -14.39 7.52 -50.23
N ALA E 221 -15.71 7.75 -50.24
CA ALA E 221 -16.23 9.07 -49.90
C ALA E 221 -16.06 9.33 -48.40
N GLU E 222 -16.16 10.61 -48.04
CA GLU E 222 -15.99 11.08 -46.67
C GLU E 222 -14.57 10.84 -46.17
N ASP E 223 -13.69 10.38 -47.07
CA ASP E 223 -12.28 10.20 -46.78
C ASP E 223 -11.43 11.31 -47.38
N VAL E 224 -12.06 12.38 -47.87
CA VAL E 224 -11.36 13.48 -48.48
C VAL E 224 -11.21 14.60 -47.46
N GLY E 225 -10.27 15.50 -47.73
CA GLY E 225 -9.98 16.61 -46.86
C GLY E 225 -8.49 16.85 -46.81
N VAL E 226 -8.06 17.53 -45.76
CA VAL E 226 -6.66 17.90 -45.57
C VAL E 226 -6.07 17.04 -44.47
N TYR E 227 -4.93 16.41 -44.76
CA TYR E 227 -4.25 15.56 -43.80
C TYR E 227 -3.09 16.34 -43.18
N TYR E 228 -3.06 16.37 -41.85
CA TYR E 228 -2.12 17.21 -41.11
C TYR E 228 -1.16 16.33 -40.31
N CYS E 229 0.13 16.66 -40.40
CA CYS E 229 1.13 16.07 -39.54
C CYS E 229 1.22 16.83 -38.23
N MET E 230 1.81 16.22 -37.21
CA MET E 230 2.05 16.94 -35.95
C MET E 230 3.11 16.21 -35.16
N GLN E 231 3.95 16.95 -34.45
CA GLN E 231 4.96 16.36 -33.56
C GLN E 231 4.42 16.46 -32.15
N HIS E 232 4.68 15.49 -31.30
CA HIS E 232 4.58 15.73 -29.85
C HIS E 232 5.86 15.24 -29.19
N LEU E 233 7.00 15.57 -29.79
CA LEU E 233 8.28 15.21 -29.14
C LEU E 233 8.70 16.38 -28.27
N GLU E 234 8.36 17.58 -28.71
CA GLU E 234 8.83 18.77 -27.97
C GLU E 234 7.85 19.92 -28.13
N TYR E 235 7.57 20.63 -27.04
CA TYR E 235 6.75 21.87 -27.11
C TYR E 235 7.74 22.92 -27.58
N PRO E 236 7.50 23.87 -28.50
CA PRO E 236 6.22 24.06 -29.20
C PRO E 236 5.80 22.92 -30.13
N LEU E 237 4.57 22.45 -30.00
CA LEU E 237 4.05 21.37 -30.87
C LEU E 237 3.78 22.01 -32.23
N THR E 238 4.17 21.36 -33.33
CA THR E 238 4.11 21.99 -34.69
C THR E 238 3.40 21.12 -35.71
N PHE E 239 2.72 21.72 -36.70
CA PHE E 239 1.96 20.96 -37.68
C PHE E 239 2.66 21.02 -39.04
N GLY E 240 2.22 20.15 -39.94
CA GLY E 240 2.57 20.29 -41.33
C GLY E 240 1.67 21.26 -42.05
N ALA E 241 2.06 21.61 -43.28
CA ALA E 241 1.26 22.52 -44.09
C ALA E 241 -0.11 21.92 -44.40
N GLY E 242 -0.15 20.63 -44.71
CA GLY E 242 -1.41 19.96 -45.01
C GLY E 242 -1.48 19.53 -46.46
N THR E 243 -1.88 18.29 -46.67
CA THR E 243 -2.04 17.71 -47.99
C THR E 243 -3.52 17.50 -48.26
N LYS E 244 -4.01 18.10 -49.35
CA LYS E 244 -5.41 18.01 -49.71
C LYS E 244 -5.66 16.84 -50.65
N LEU E 245 -6.74 16.12 -50.41
CA LEU E 245 -7.19 15.03 -51.28
C LEU E 245 -8.45 15.47 -52.00
N GLU E 246 -8.44 15.40 -53.33
CA GLU E 246 -9.56 15.83 -54.14
C GLU E 246 -9.93 14.74 -55.13
N LEU E 247 -11.18 14.79 -55.59
CA LEU E 247 -11.70 13.80 -56.53
C LEU E 247 -11.16 14.09 -57.94
N LYS E 248 -11.63 13.34 -58.92
CA LYS E 248 -11.23 13.54 -60.30
C LYS E 248 -12.42 13.93 -61.17
#